data_3AV5
#
_entry.id   3AV5
#
_cell.length_a   134.993
_cell.length_b   96.920
_cell.length_c   130.615
_cell.angle_alpha   90.00
_cell.angle_beta   90.00
_cell.angle_gamma   90.00
#
_symmetry.space_group_name_H-M   'P 21 21 2'
#
loop_
_entity.id
_entity.type
_entity.pdbx_description
1 polymer 'DNA (cytosine-5)-methyltransferase 1'
2 non-polymer 'ZINC ION'
3 non-polymer S-ADENOSYL-L-HOMOCYSTEINE
#
_entity_poly.entity_id   1
_entity_poly.type   'polypeptide(L)'
_entity_poly.pdbx_seq_one_letter_code
;AAKRRPKEAEPEQVAPETPEDRDEDEREEKRRKTTRKKLESHTVPVQSRSERKAAQSKSVIPKINSPKCPECGQHLDDPN
LKYQQHPEDAVDEPQMLTSEKLSIYDSTSTWFDTYEDSPMHRFTSFSVYCSRGHLCPVDTGLIEKNVELYFSGCAKAIHD
ENPSMEGGINGKNLGPINQWWLSGFDGGEKVLIGFSTAFAEYILMEPSKEYEPIFGLMQEKIYISKIVVEFLQNNPDAVY
EDLINKIETTVPPSTINVNRFTEDSLLRHAQFVVSQVESYDEAKDDDETPIFLSPCMRALIHLAGVSLGQRRATRRVMGA
TKEKDKAPTKATTTKLVYQIFDTFFSEQIEKYDKEDKENAMKRRRCGVCEVCQQPECGKCKACKDMVKFGGTGRSKQACL
KRRCPNLAVKEADDDEEADDDVSEMPSPKKLHQGKKKKQNKDRISWLGQPMKIEENRTYYQKVSIDEEMLEVGDCVSVIP
DDSSKPLYLARVTALWEDKNGQMMFHAHWFCAGTDTVLGATSDPLELFLVGECENMQLSYIHSKVKVIYKAPSENWAMEG
GTDPETTLPGAEDGKTYFFQLWYNQEYARFESPPKTQPTEDNKHKFCLSCIRLAELRQKEMPKVLEQIEEVDGRVYCSSI
TKNGVVYRLGDSVYLPPEAFTFNIKVASPVKRPKKDPVNETLYPEHYRKYSDYIKGSNLDAPEPYRIGRIKEIHCGKKKG
KVNEADIKLRLYKFYRPENTHRSYNGSYHTDINMLYWSDEEAVVNFSDVQGRCTVEYGEDLLESIQDYSQGGPDRFYFLE
AYNSKTKNFEDPPNHARSPGNKGKGKGKGKGKGKHQVSEPKEPEAAIKLPKLRTLDVFSGCGGLSEGFHQAGISETLWAI
EMWDPAAQAFRLNNPGTTVFTEDCNVLLKLVMAGEVTNSLGQRLPQKGDVEMLCGGPPCQGFSGMNRFNSRTYSKFKNSL
VVSFLSYCDYYRPRFFLLENVRNFVSYRRSMVLKLTLRCLVRMGYQCTFGVLQAGQYGVAQTRRRAIILAAAPGEKLPLF
PEPLHVFAPRACQLSVVVDDKKFVSNITRLSSGPFRTITVRDTMSDLPEIQNGASNSEIPYNGEPLSWFQRQLRGSHYQP
ILRDHICKDMSPLVAARMRHIPLFPGSDWRDLPNIQVRLGDGVIAHKLQYTFHDVKNGYSSTGALRGVCSCAEGKACDPE
SRQFSTLIPWCLPHTGNRHNHWAGLYGRLEWDGFFSTTVTNPEPMGKQGRVLHPEQHRVVSVRECARSQGFPDSYRFFGN
ILDRHRQVGNAVPPPLAKAIGLEIKLCLLSSARESASAAVKAKEEAATKD
;
_entity_poly.pdbx_strand_id   A
#
loop_
_chem_comp.id
_chem_comp.type
_chem_comp.name
_chem_comp.formula
ZN non-polymer 'ZINC ION' 'Zn 2'
#
# COMPACT_ATOMS: atom_id res chain seq x y z
N PRO A 67 11.97 -55.33 -0.16
CA PRO A 67 12.47 -55.37 1.23
C PRO A 67 12.83 -53.98 1.79
N LYS A 68 12.43 -53.71 3.06
CA LYS A 68 12.66 -52.44 3.78
C LYS A 68 12.65 -52.62 5.32
N CYS A 69 13.72 -52.15 6.01
CA CYS A 69 13.96 -52.24 7.46
C CYS A 69 12.75 -52.04 8.41
N PRO A 70 12.45 -53.02 9.31
CA PRO A 70 11.34 -52.82 10.27
C PRO A 70 11.64 -51.71 11.27
N GLU A 71 12.94 -51.48 11.53
CA GLU A 71 13.43 -50.46 12.45
C GLU A 71 13.45 -49.07 11.83
N CYS A 72 14.32 -48.79 10.83
CA CYS A 72 14.44 -47.48 10.20
C CYS A 72 13.58 -47.24 8.98
N GLY A 73 13.26 -48.30 8.26
CA GLY A 73 12.41 -48.20 7.08
C GLY A 73 13.06 -48.21 5.71
N GLN A 74 14.38 -48.13 5.64
CA GLN A 74 15.05 -48.08 4.34
C GLN A 74 14.88 -49.30 3.41
N HIS A 75 14.55 -49.03 2.14
CA HIS A 75 14.38 -50.00 1.04
C HIS A 75 15.73 -50.68 0.74
N LEU A 76 15.85 -52.00 1.03
CA LEU A 76 17.08 -52.78 0.82
C LEU A 76 17.68 -52.66 -0.59
N ASP A 77 16.81 -52.46 -1.61
CA ASP A 77 17.20 -52.28 -3.01
C ASP A 77 17.81 -50.88 -3.27
N ASP A 78 17.78 -49.97 -2.25
CA ASP A 78 18.35 -48.63 -2.32
C ASP A 78 19.84 -48.74 -2.54
N PRO A 79 20.32 -48.32 -3.73
CA PRO A 79 21.77 -48.41 -3.99
C PRO A 79 22.57 -47.50 -3.08
N ASN A 80 21.96 -46.41 -2.56
CA ASN A 80 22.65 -45.55 -1.62
C ASN A 80 22.47 -45.91 -0.11
N LEU A 81 22.28 -47.23 0.18
CA LEU A 81 22.23 -47.76 1.54
C LEU A 81 23.67 -48.12 2.00
N LYS A 82 23.91 -48.08 3.33
CA LYS A 82 25.20 -48.42 3.91
C LYS A 82 25.02 -49.05 5.28
N TYR A 83 25.88 -50.05 5.59
CA TYR A 83 25.90 -50.77 6.87
C TYR A 83 27.01 -50.30 7.81
N GLN A 84 26.81 -50.46 9.13
CA GLN A 84 27.75 -50.03 10.15
C GLN A 84 29.07 -50.78 10.12
N GLN A 85 30.19 -50.04 9.95
CA GLN A 85 31.54 -50.59 9.94
C GLN A 85 32.28 -50.03 11.15
N HIS A 86 32.62 -50.93 12.08
CA HIS A 86 33.20 -50.65 13.40
C HIS A 86 34.71 -50.52 13.59
N PRO A 87 35.14 -49.66 14.54
CA PRO A 87 36.58 -49.61 14.90
C PRO A 87 36.90 -50.71 15.94
N GLU A 88 38.20 -51.05 16.14
CA GLU A 88 38.61 -52.11 17.07
C GLU A 88 38.30 -51.81 18.55
N ASP A 89 39.11 -50.89 19.16
CA ASP A 89 39.08 -50.42 20.56
C ASP A 89 37.70 -49.89 20.98
N ALA A 90 36.70 -50.08 20.12
CA ALA A 90 35.35 -49.67 20.34
C ALA A 90 34.75 -50.48 21.47
N VAL A 91 34.49 -49.80 22.59
CA VAL A 91 33.85 -50.33 23.80
C VAL A 91 32.48 -49.67 23.92
N ASP A 92 31.57 -50.29 24.69
CA ASP A 92 30.22 -49.77 24.92
C ASP A 92 30.29 -48.45 25.69
N GLU A 93 29.31 -47.56 25.45
CA GLU A 93 29.23 -46.23 26.05
C GLU A 93 29.63 -46.06 27.54
N PRO A 94 29.13 -46.85 28.53
CA PRO A 94 29.50 -46.59 29.94
C PRO A 94 30.98 -46.81 30.19
N GLN A 95 31.57 -47.76 29.46
CA GLN A 95 32.97 -48.11 29.55
C GLN A 95 33.82 -46.97 28.96
N MET A 96 33.53 -46.54 27.72
CA MET A 96 34.29 -45.46 27.10
C MET A 96 34.16 -44.11 27.85
N LEU A 97 33.08 -43.95 28.64
CA LEU A 97 32.82 -42.76 29.45
C LEU A 97 33.53 -42.78 30.82
N THR A 98 34.25 -43.87 31.13
CA THR A 98 35.01 -44.05 32.37
C THR A 98 36.52 -43.91 32.06
N SER A 99 36.86 -43.42 30.84
CA SER A 99 38.23 -43.20 30.37
C SER A 99 38.79 -41.92 30.96
N GLU A 100 40.09 -41.93 31.32
CA GLU A 100 40.76 -40.76 31.90
C GLU A 100 41.10 -39.65 30.90
N LYS A 101 40.99 -39.93 29.56
CA LYS A 101 41.15 -38.94 28.46
C LYS A 101 40.00 -37.92 28.55
N LEU A 102 38.99 -38.23 29.37
CA LEU A 102 37.78 -37.44 29.62
C LEU A 102 37.69 -36.92 31.07
N SER A 103 36.88 -35.84 31.26
CA SER A 103 36.55 -35.18 32.53
C SER A 103 35.26 -35.75 33.15
N THR A 114 27.64 -25.57 29.68
CA THR A 114 28.82 -25.37 30.52
C THR A 114 28.48 -25.46 32.02
N TYR A 115 27.45 -24.73 32.46
CA TYR A 115 26.95 -24.73 33.84
C TYR A 115 25.81 -25.77 33.90
N GLU A 116 26.18 -27.07 33.79
CA GLU A 116 25.25 -28.20 33.75
C GLU A 116 25.81 -29.54 34.31
N ASP A 117 25.02 -30.62 34.19
CA ASP A 117 25.36 -31.99 34.62
C ASP A 117 25.27 -32.96 33.41
N SER A 118 26.43 -33.37 32.86
CA SER A 118 26.42 -34.24 31.69
C SER A 118 27.22 -35.57 31.79
N PRO A 119 28.55 -35.71 31.48
CA PRO A 119 29.56 -34.72 31.06
C PRO A 119 29.62 -34.45 29.55
N MET A 120 29.89 -33.18 29.18
CA MET A 120 30.02 -32.73 27.79
C MET A 120 31.30 -33.26 27.17
N HIS A 121 31.25 -33.78 25.95
CA HIS A 121 32.44 -34.28 25.27
C HIS A 121 32.38 -34.07 23.79
N ARG A 122 33.56 -33.99 23.14
CA ARG A 122 33.67 -33.87 21.70
C ARG A 122 33.54 -35.29 21.08
N PHE A 123 33.19 -35.38 19.78
CA PHE A 123 32.98 -36.65 19.09
C PHE A 123 33.35 -36.56 17.62
N THR A 124 34.19 -37.48 17.14
CA THR A 124 34.65 -37.50 15.75
C THR A 124 34.42 -38.85 15.09
N SER A 125 34.64 -38.93 13.76
CA SER A 125 34.43 -40.09 12.88
C SER A 125 33.08 -40.78 13.13
N PHE A 126 32.06 -40.00 13.59
CA PHE A 126 30.74 -40.47 13.96
C PHE A 126 29.96 -41.09 12.82
N SER A 127 29.02 -42.00 13.17
CA SER A 127 28.10 -42.70 12.28
C SER A 127 26.81 -42.97 13.06
N VAL A 128 25.65 -42.70 12.47
CA VAL A 128 24.36 -42.94 13.16
C VAL A 128 23.64 -44.04 12.43
N TYR A 129 23.13 -45.03 13.16
CA TYR A 129 22.51 -46.17 12.54
C TYR A 129 21.38 -46.75 13.35
N CYS A 130 20.44 -47.41 12.65
CA CYS A 130 19.30 -48.09 13.26
C CYS A 130 19.78 -49.32 14.01
N SER A 131 18.84 -49.97 14.73
CA SER A 131 19.12 -51.17 15.51
C SER A 131 19.64 -52.41 14.70
N ARG A 132 19.55 -52.38 13.36
CA ARG A 132 19.98 -53.46 12.44
C ARG A 132 21.29 -53.15 11.68
N GLY A 133 21.77 -51.92 11.82
CA GLY A 133 23.01 -51.50 11.22
C GLY A 133 22.96 -50.57 10.02
N HIS A 134 21.74 -50.12 9.63
CA HIS A 134 21.62 -49.19 8.48
C HIS A 134 21.99 -47.83 8.89
N LEU A 135 22.88 -47.17 8.11
CA LEU A 135 23.21 -45.78 8.40
C LEU A 135 21.92 -44.92 8.19
N CYS A 136 21.58 -44.10 9.20
CA CYS A 136 20.37 -43.32 9.21
C CYS A 136 20.57 -41.85 9.42
N PRO A 137 19.75 -40.99 8.78
CA PRO A 137 19.80 -39.58 9.12
C PRO A 137 19.05 -39.33 10.44
N VAL A 138 19.30 -38.19 11.07
CA VAL A 138 18.67 -37.83 12.35
C VAL A 138 17.53 -36.81 12.20
N ASP A 139 17.61 -35.98 11.13
CA ASP A 139 16.68 -34.90 10.75
C ASP A 139 15.28 -35.44 10.46
N THR A 140 15.21 -36.54 9.68
CA THR A 140 14.07 -37.32 9.20
C THR A 140 12.96 -37.60 10.24
N GLY A 141 13.27 -37.45 11.52
CA GLY A 141 12.31 -37.60 12.61
C GLY A 141 12.10 -39.00 13.17
N LEU A 142 13.07 -39.90 12.95
CA LEU A 142 12.96 -41.29 13.41
C LEU A 142 13.07 -41.35 14.93
N ILE A 143 13.87 -40.44 15.55
CA ILE A 143 14.01 -40.35 17.01
C ILE A 143 12.62 -40.06 17.59
N GLU A 144 11.97 -39.05 17.01
CA GLU A 144 10.62 -38.59 17.31
C GLU A 144 9.63 -39.74 17.15
N LYS A 145 9.76 -40.53 16.06
CA LYS A 145 8.95 -41.71 15.70
C LYS A 145 9.28 -42.96 16.58
N ASN A 146 10.03 -42.74 17.70
CA ASN A 146 10.45 -43.73 18.71
C ASN A 146 11.59 -44.66 18.30
N VAL A 147 12.06 -44.59 17.03
CA VAL A 147 13.15 -45.43 16.55
C VAL A 147 14.45 -45.10 17.27
N GLU A 148 15.00 -46.11 17.98
CA GLU A 148 16.25 -46.02 18.72
C GLU A 148 17.39 -45.93 17.73
N LEU A 149 18.16 -44.84 17.80
CA LEU A 149 19.30 -44.70 16.92
C LEU A 149 20.58 -44.80 17.73
N TYR A 150 21.52 -45.59 17.25
CA TYR A 150 22.78 -45.82 17.94
C TYR A 150 23.91 -45.20 17.17
N PHE A 151 24.82 -44.54 17.87
CA PHE A 151 25.95 -43.95 17.18
C PHE A 151 27.30 -44.55 17.61
N SER A 152 28.34 -44.32 16.81
CA SER A 152 29.68 -44.85 17.05
C SER A 152 30.72 -43.96 16.38
N GLY A 153 31.86 -43.84 17.04
CA GLY A 153 33.01 -43.06 16.62
C GLY A 153 33.87 -42.64 17.80
N CYS A 154 34.96 -41.94 17.54
CA CYS A 154 35.91 -41.49 18.55
C CYS A 154 35.42 -40.31 19.43
N ALA A 155 35.34 -40.50 20.75
CA ALA A 155 35.00 -39.40 21.67
C ALA A 155 36.29 -38.73 22.14
N LYS A 156 36.25 -37.40 22.31
CA LYS A 156 37.42 -36.60 22.69
C LYS A 156 37.17 -35.68 23.90
N ALA A 157 38.27 -35.08 24.42
CA ALA A 157 38.26 -34.14 25.53
C ALA A 157 37.40 -32.92 25.16
N ILE A 158 36.57 -32.39 26.12
CA ILE A 158 35.70 -31.21 25.88
C ILE A 158 36.45 -30.08 25.15
N HIS A 159 37.74 -29.88 25.52
CA HIS A 159 38.62 -28.86 24.96
C HIS A 159 39.32 -29.24 23.63
N ASP A 160 39.44 -30.56 23.32
CA ASP A 160 40.12 -31.08 22.11
C ASP A 160 39.43 -30.67 20.77
N GLU A 161 40.04 -29.68 20.09
CA GLU A 161 39.59 -29.08 18.83
C GLU A 161 40.12 -29.83 17.60
N ASN A 162 40.95 -30.87 17.79
CA ASN A 162 41.50 -31.64 16.69
C ASN A 162 40.51 -32.69 16.17
N PRO A 163 40.06 -32.59 14.90
CA PRO A 163 39.12 -33.60 14.35
C PRO A 163 39.82 -34.85 13.79
N SER A 164 41.12 -34.99 14.11
CA SER A 164 41.94 -36.14 13.74
C SER A 164 41.75 -37.18 14.86
N MET A 165 41.34 -38.40 14.47
CA MET A 165 41.12 -39.53 15.38
C MET A 165 42.47 -39.91 16.02
N GLU A 166 42.82 -39.26 17.16
CA GLU A 166 44.10 -39.48 17.82
C GLU A 166 44.08 -39.43 19.34
N GLY A 167 43.51 -38.37 19.91
CA GLY A 167 43.48 -38.18 21.36
C GLY A 167 42.27 -38.74 22.09
N GLY A 168 41.56 -39.68 21.46
CA GLY A 168 40.36 -40.24 22.05
C GLY A 168 40.15 -41.74 22.01
N ILE A 169 39.04 -42.17 22.63
CA ILE A 169 38.56 -43.55 22.75
C ILE A 169 37.51 -43.81 21.71
N ASN A 170 37.51 -45.01 21.15
CA ASN A 170 36.46 -45.40 20.22
C ASN A 170 35.32 -46.03 21.03
N GLY A 171 34.11 -45.62 20.73
CA GLY A 171 32.92 -46.16 21.34
C GLY A 171 32.10 -46.87 20.27
N LYS A 172 31.33 -47.88 20.67
CA LYS A 172 30.47 -48.64 19.76
C LYS A 172 29.06 -48.61 20.31
N ASN A 173 28.05 -48.81 19.45
CA ASN A 173 26.63 -48.82 19.80
C ASN A 173 26.25 -47.92 21.02
N LEU A 174 26.73 -46.63 21.02
CA LEU A 174 26.55 -45.60 22.07
C LEU A 174 25.10 -45.20 22.22
N GLY A 175 24.53 -45.49 23.40
CA GLY A 175 23.16 -45.30 23.88
C GLY A 175 22.15 -44.78 22.88
N PRO A 176 20.86 -45.22 22.91
CA PRO A 176 19.87 -44.66 21.95
C PRO A 176 19.82 -43.13 22.08
N ILE A 177 19.77 -42.40 20.95
CA ILE A 177 19.81 -40.95 21.00
C ILE A 177 18.53 -40.34 21.60
N ASN A 178 18.59 -39.93 22.90
CA ASN A 178 17.48 -39.32 23.64
C ASN A 178 16.86 -38.19 22.81
N GLN A 179 17.74 -37.35 22.19
CA GLN A 179 17.46 -36.26 21.26
C GLN A 179 18.76 -35.64 20.77
N TRP A 180 18.69 -34.90 19.67
CA TRP A 180 19.81 -34.20 19.08
C TRP A 180 19.46 -32.71 19.13
N TRP A 181 20.45 -31.82 19.01
CA TRP A 181 20.20 -30.39 19.11
C TRP A 181 21.30 -29.56 18.43
N LEU A 182 21.07 -28.25 18.33
CA LEU A 182 21.96 -27.28 17.72
C LEU A 182 22.17 -26.11 18.66
N SER A 183 23.20 -25.30 18.35
CA SER A 183 23.60 -24.08 19.03
C SER A 183 24.54 -23.30 18.08
N GLY A 184 24.22 -22.03 17.82
CA GLY A 184 25.01 -21.17 16.95
C GLY A 184 24.20 -20.30 16.02
N PHE A 185 23.36 -19.42 16.59
CA PHE A 185 22.50 -18.51 15.82
C PHE A 185 22.52 -17.09 16.44
N ASP A 186 23.68 -16.41 16.35
CA ASP A 186 23.94 -15.05 16.84
C ASP A 186 25.37 -14.68 16.39
N GLY A 187 26.13 -14.07 17.32
CA GLY A 187 27.53 -13.71 17.13
C GLY A 187 28.40 -14.93 17.28
N GLY A 188 28.27 -15.84 16.31
CA GLY A 188 28.97 -17.12 16.24
C GLY A 188 28.74 -17.79 14.91
N GLU A 189 29.77 -17.73 14.03
CA GLU A 189 29.80 -18.31 12.68
C GLU A 189 29.65 -19.85 12.74
N LYS A 190 30.22 -20.49 13.79
CA LYS A 190 30.17 -21.94 14.03
C LYS A 190 28.81 -22.39 14.53
N VAL A 191 28.28 -23.48 13.96
CA VAL A 191 27.02 -24.05 14.43
C VAL A 191 27.36 -25.42 14.97
N LEU A 192 27.15 -25.61 16.27
CA LEU A 192 27.45 -26.86 16.96
C LEU A 192 26.27 -27.82 16.91
N ILE A 193 26.54 -29.10 16.61
CA ILE A 193 25.52 -30.16 16.56
C ILE A 193 25.80 -31.17 17.69
N GLY A 194 24.91 -31.21 18.67
CA GLY A 194 25.06 -32.12 19.80
C GLY A 194 23.99 -33.19 19.89
N PHE A 195 24.36 -34.36 20.44
CA PHE A 195 23.47 -35.51 20.71
C PHE A 195 23.39 -35.72 22.20
N SER A 196 22.22 -36.12 22.70
CA SER A 196 22.04 -36.45 24.11
C SER A 196 21.74 -37.94 24.26
N THR A 197 22.46 -38.60 25.14
CA THR A 197 22.24 -40.02 25.41
C THR A 197 21.80 -40.22 26.85
N ALA A 198 21.38 -41.45 27.16
CA ALA A 198 20.97 -41.84 28.49
C ALA A 198 22.08 -41.51 29.54
N PHE A 199 23.33 -41.29 29.08
CA PHE A 199 24.47 -41.01 29.97
C PHE A 199 25.13 -39.65 29.80
N ALA A 200 25.46 -39.23 28.56
CA ALA A 200 26.17 -37.97 28.33
C ALA A 200 25.79 -37.21 27.05
N GLU A 201 26.07 -35.89 27.05
CA GLU A 201 25.86 -34.98 25.92
C GLU A 201 27.15 -34.92 25.10
N TYR A 202 27.04 -35.13 23.78
CA TYR A 202 28.21 -35.09 22.91
C TYR A 202 28.10 -34.05 21.81
N ILE A 203 29.21 -33.29 21.59
CA ILE A 203 29.41 -32.28 20.54
C ILE A 203 30.10 -32.93 19.35
N LEU A 204 29.38 -33.03 18.24
CA LEU A 204 29.92 -33.67 17.05
C LEU A 204 31.04 -32.85 16.39
N MET A 205 31.94 -33.53 15.65
CA MET A 205 33.04 -32.92 14.91
C MET A 205 32.93 -33.33 13.45
N GLU A 206 33.78 -34.25 12.99
CA GLU A 206 33.75 -34.72 11.61
C GLU A 206 33.07 -36.09 11.52
N PRO A 207 32.25 -36.35 10.47
CA PRO A 207 31.67 -37.69 10.35
C PRO A 207 32.68 -38.71 9.84
N SER A 208 32.29 -40.00 9.81
CA SER A 208 33.08 -41.10 9.26
C SER A 208 33.02 -41.02 7.72
N LYS A 209 33.94 -41.71 7.01
CA LYS A 209 33.95 -41.72 5.54
C LYS A 209 32.66 -42.31 4.93
N GLU A 210 32.00 -43.21 5.67
CA GLU A 210 30.79 -43.87 5.26
C GLU A 210 29.55 -43.03 5.61
N TYR A 211 29.62 -42.28 6.73
CA TYR A 211 28.50 -41.43 7.16
C TYR A 211 28.50 -40.05 6.51
N GLU A 212 29.69 -39.55 6.11
CA GLU A 212 29.90 -38.25 5.44
C GLU A 212 28.73 -37.83 4.52
N PRO A 213 28.28 -38.61 3.50
CA PRO A 213 27.13 -38.18 2.67
C PRO A 213 25.87 -37.79 3.44
N ILE A 214 25.45 -38.65 4.37
CA ILE A 214 24.27 -38.51 5.22
C ILE A 214 24.37 -37.26 6.07
N PHE A 215 25.55 -37.01 6.64
CA PHE A 215 25.74 -35.81 7.42
C PHE A 215 25.78 -34.59 6.51
N GLY A 216 26.25 -34.82 5.28
CA GLY A 216 26.40 -33.82 4.23
C GLY A 216 25.15 -33.01 3.98
N LEU A 217 24.03 -33.72 3.67
CA LEU A 217 22.71 -33.13 3.44
C LEU A 217 22.28 -32.38 4.72
N MET A 218 22.26 -33.08 5.86
CA MET A 218 21.90 -32.55 7.17
C MET A 218 22.62 -31.22 7.41
N GLN A 219 23.93 -31.17 7.13
CA GLN A 219 24.78 -29.99 7.29
C GLN A 219 24.25 -28.83 6.43
N GLU A 220 24.00 -29.08 5.10
CA GLU A 220 23.48 -28.12 4.10
C GLU A 220 22.24 -27.48 4.66
N LYS A 221 21.30 -28.33 5.17
CA LYS A 221 20.02 -27.93 5.75
C LYS A 221 20.26 -26.90 6.82
N ILE A 222 21.05 -27.25 7.86
CA ILE A 222 21.49 -26.42 9.01
C ILE A 222 21.99 -25.02 8.57
N TYR A 223 22.79 -24.99 7.47
CA TYR A 223 23.34 -23.77 6.91
C TYR A 223 22.26 -22.80 6.40
N ILE A 224 21.35 -23.26 5.50
CA ILE A 224 20.22 -22.43 5.04
C ILE A 224 19.51 -21.87 6.27
N SER A 225 19.17 -22.75 7.23
CA SER A 225 18.53 -22.36 8.49
C SER A 225 19.28 -21.19 9.17
N LYS A 226 20.63 -21.29 9.29
CA LYS A 226 21.51 -20.25 9.86
C LYS A 226 21.33 -18.94 9.11
N ILE A 227 21.55 -18.95 7.78
CA ILE A 227 21.41 -17.81 6.86
C ILE A 227 20.03 -17.16 7.07
N VAL A 228 18.98 -17.99 7.14
CA VAL A 228 17.60 -17.54 7.33
C VAL A 228 17.41 -16.84 8.70
N VAL A 229 17.86 -17.49 9.81
CA VAL A 229 17.80 -16.98 11.19
C VAL A 229 18.59 -15.67 11.30
N GLU A 230 19.87 -15.72 10.95
CA GLU A 230 20.77 -14.57 11.05
C GLU A 230 20.20 -13.30 10.41
N PHE A 231 19.75 -13.43 9.13
CA PHE A 231 19.13 -12.39 8.31
C PHE A 231 17.88 -11.82 8.98
N LEU A 232 17.01 -12.70 9.47
CA LEU A 232 15.80 -12.27 10.14
C LEU A 232 16.01 -11.56 11.47
N GLN A 233 17.09 -11.89 12.18
CA GLN A 233 17.43 -11.22 13.44
C GLN A 233 17.77 -9.77 13.09
N ASN A 234 18.46 -9.58 11.96
CA ASN A 234 18.87 -8.27 11.46
C ASN A 234 17.82 -7.52 10.67
N ASN A 235 16.92 -8.24 9.98
CA ASN A 235 15.89 -7.61 9.15
C ASN A 235 14.49 -8.21 9.35
N PRO A 236 13.78 -7.95 10.48
CA PRO A 236 12.39 -8.43 10.56
C PRO A 236 11.58 -7.55 9.58
N ASP A 237 10.37 -7.99 9.16
CA ASP A 237 9.56 -7.24 8.17
C ASP A 237 10.01 -7.56 6.74
N ALA A 238 11.10 -8.35 6.61
CA ALA A 238 11.64 -8.80 5.35
C ALA A 238 10.56 -9.55 4.61
N VAL A 239 10.37 -9.21 3.37
CA VAL A 239 9.37 -9.84 2.52
C VAL A 239 9.97 -11.09 1.82
N TYR A 240 9.11 -12.03 1.34
CA TYR A 240 9.50 -13.25 0.64
C TYR A 240 10.53 -12.99 -0.42
N GLU A 241 10.33 -11.99 -1.32
CA GLU A 241 11.32 -11.74 -2.37
C GLU A 241 12.73 -11.37 -1.85
N ASP A 242 12.83 -10.75 -0.67
CA ASP A 242 14.09 -10.42 -0.03
C ASP A 242 14.75 -11.72 0.45
N LEU A 243 14.00 -12.57 1.20
CA LEU A 243 14.46 -13.85 1.72
C LEU A 243 15.11 -14.60 0.58
N ILE A 244 14.36 -14.75 -0.52
CA ILE A 244 14.86 -15.41 -1.72
C ILE A 244 16.20 -14.78 -2.12
N ASN A 245 16.23 -13.46 -2.28
CA ASN A 245 17.44 -12.76 -2.67
C ASN A 245 18.59 -12.96 -1.68
N LYS A 246 18.29 -12.97 -0.34
CA LYS A 246 19.33 -13.21 0.68
C LYS A 246 19.95 -14.55 0.43
N ILE A 247 19.12 -15.61 0.40
CA ILE A 247 19.52 -16.98 0.13
C ILE A 247 20.30 -17.08 -1.19
N GLU A 248 19.67 -16.65 -2.28
CA GLU A 248 20.19 -16.70 -3.64
C GLU A 248 21.60 -16.20 -3.73
N THR A 249 21.88 -15.10 -3.03
CA THR A 249 23.11 -14.33 -3.08
C THR A 249 24.22 -14.70 -2.08
N THR A 250 23.88 -15.50 -1.06
CA THR A 250 24.84 -15.93 -0.04
C THR A 250 25.78 -16.94 -0.65
N VAL A 251 27.09 -16.70 -0.51
CA VAL A 251 28.10 -17.63 -1.04
C VAL A 251 28.41 -18.66 0.05
N PRO A 252 28.07 -19.94 -0.20
CA PRO A 252 28.38 -20.98 0.80
C PRO A 252 29.86 -21.37 0.75
N PRO A 253 30.44 -21.85 1.87
CA PRO A 253 31.84 -22.28 1.83
C PRO A 253 32.04 -23.58 1.06
N SER A 254 33.31 -24.00 0.90
CA SER A 254 33.68 -25.23 0.21
C SER A 254 33.13 -26.43 1.00
N THR A 255 33.22 -26.35 2.34
CA THR A 255 32.74 -27.31 3.34
C THR A 255 31.28 -27.78 3.07
N ILE A 256 30.53 -26.98 2.30
CA ILE A 256 29.16 -27.28 1.89
C ILE A 256 29.20 -27.51 0.36
N ASN A 257 29.01 -28.78 -0.07
CA ASN A 257 29.03 -29.18 -1.49
C ASN A 257 27.72 -28.84 -2.24
N VAL A 258 27.51 -27.53 -2.40
CA VAL A 258 26.41 -26.85 -3.09
C VAL A 258 27.10 -25.65 -3.69
N ASN A 259 26.84 -25.34 -4.98
CA ASN A 259 27.45 -24.19 -5.67
C ASN A 259 26.96 -22.84 -5.14
N ARG A 260 25.63 -22.72 -4.99
CA ARG A 260 24.90 -21.57 -4.43
C ARG A 260 23.48 -22.05 -4.15
N PHE A 261 22.77 -21.36 -3.26
CA PHE A 261 21.41 -21.75 -2.93
C PHE A 261 20.36 -21.04 -3.75
N THR A 262 19.22 -21.70 -3.93
CA THR A 262 18.11 -21.17 -4.72
C THR A 262 16.81 -21.25 -3.94
N GLU A 263 15.74 -20.63 -4.49
CA GLU A 263 14.37 -20.71 -3.94
C GLU A 263 13.99 -22.19 -3.84
N ASP A 264 14.30 -23.02 -4.89
CA ASP A 264 14.09 -24.46 -4.97
C ASP A 264 14.62 -25.22 -3.75
N SER A 265 15.86 -24.92 -3.33
CA SER A 265 16.48 -25.51 -2.14
C SER A 265 15.72 -25.12 -0.85
N LEU A 266 15.49 -23.79 -0.65
CA LEU A 266 14.74 -23.29 0.50
C LEU A 266 13.42 -24.01 0.60
N LEU A 267 12.64 -24.02 -0.51
CA LEU A 267 11.35 -24.72 -0.63
C LEU A 267 11.48 -26.20 -0.29
N ARG A 268 12.59 -26.87 -0.79
CA ARG A 268 12.89 -28.29 -0.53
C ARG A 268 13.12 -28.47 0.96
N HIS A 269 13.89 -27.59 1.60
CA HIS A 269 14.16 -27.70 3.03
C HIS A 269 13.20 -26.93 3.96
N ALA A 270 12.18 -26.29 3.35
CA ALA A 270 11.12 -25.46 3.93
C ALA A 270 10.62 -25.90 5.31
N GLN A 271 10.56 -27.22 5.56
CA GLN A 271 10.12 -27.74 6.84
C GLN A 271 11.24 -27.63 7.89
N PHE A 272 12.49 -28.07 7.56
CA PHE A 272 13.65 -27.99 8.46
C PHE A 272 13.90 -26.54 8.79
N VAL A 273 14.04 -25.69 7.74
CA VAL A 273 14.26 -24.25 7.84
C VAL A 273 13.21 -23.59 8.76
N VAL A 274 11.93 -23.87 8.54
CA VAL A 274 10.90 -23.26 9.37
C VAL A 274 10.95 -23.78 10.78
N SER A 275 10.96 -25.11 10.97
CA SER A 275 11.02 -25.72 12.31
C SER A 275 12.28 -25.29 13.11
N GLN A 276 13.36 -24.93 12.38
CA GLN A 276 14.57 -24.47 13.00
C GLN A 276 14.38 -23.07 13.56
N VAL A 277 13.78 -22.21 12.75
CA VAL A 277 13.47 -20.81 13.03
C VAL A 277 12.46 -20.69 14.16
N GLU A 278 11.48 -21.61 14.25
CA GLU A 278 10.49 -21.57 15.33
C GLU A 278 11.25 -21.70 16.67
N SER A 279 12.17 -22.72 16.71
CA SER A 279 12.99 -23.11 17.84
C SER A 279 13.88 -21.99 18.33
N TYR A 280 14.39 -21.17 17.40
CA TYR A 280 15.21 -20.03 17.78
C TYR A 280 14.42 -19.03 18.63
N ASP A 281 13.09 -18.88 18.39
CA ASP A 281 12.22 -17.96 19.13
C ASP A 281 11.84 -18.52 20.49
N GLU A 282 11.58 -19.84 20.55
CA GLU A 282 11.30 -20.59 21.77
C GLU A 282 12.54 -20.47 22.67
N ALA A 283 13.76 -20.70 22.11
CA ALA A 283 15.05 -20.55 22.79
C ALA A 283 15.29 -19.06 23.13
N LYS A 284 16.19 -18.34 22.38
CA LYS A 284 16.50 -16.92 22.59
C LYS A 284 15.22 -16.11 22.63
N ASP A 285 14.70 -15.91 23.86
CA ASP A 285 13.46 -15.18 24.08
C ASP A 285 13.63 -13.82 24.76
N ASP A 286 12.88 -12.86 24.20
CA ASP A 286 12.72 -11.45 24.58
C ASP A 286 11.21 -11.21 24.53
N ASP A 287 10.75 -10.02 24.88
CA ASP A 287 9.32 -9.73 24.75
C ASP A 287 9.02 -9.43 23.25
N GLU A 288 10.09 -9.54 22.41
CA GLU A 288 10.12 -9.30 20.96
C GLU A 288 9.33 -10.32 20.14
N THR A 289 8.95 -9.92 18.91
CA THR A 289 8.15 -10.66 17.92
C THR A 289 8.90 -11.91 17.41
N PRO A 290 8.23 -13.08 17.39
CA PRO A 290 8.92 -14.29 16.90
C PRO A 290 9.28 -14.16 15.43
N ILE A 291 10.54 -14.46 15.15
CA ILE A 291 11.14 -14.41 13.83
C ILE A 291 10.39 -15.27 12.77
N PHE A 292 9.76 -16.38 13.21
CA PHE A 292 8.92 -17.24 12.37
C PHE A 292 7.62 -16.51 11.92
N LEU A 293 7.32 -15.34 12.50
CA LEU A 293 6.12 -14.56 12.16
C LEU A 293 6.35 -13.43 11.16
N SER A 294 7.59 -13.28 10.69
CA SER A 294 7.91 -12.25 9.70
C SER A 294 7.17 -12.55 8.39
N PRO A 295 6.98 -11.52 7.52
CA PRO A 295 6.27 -11.75 6.26
C PRO A 295 6.84 -12.86 5.39
N CYS A 296 8.18 -12.90 5.19
CA CYS A 296 8.87 -13.91 4.37
C CYS A 296 8.65 -15.31 4.91
N MET A 297 8.67 -15.43 6.26
CA MET A 297 8.50 -16.67 7.01
C MET A 297 7.15 -17.27 6.82
N ARG A 298 6.10 -16.46 6.97
CA ARG A 298 4.71 -16.85 6.77
C ARG A 298 4.46 -17.11 5.28
N ALA A 299 5.13 -16.36 4.39
CA ALA A 299 5.03 -16.54 2.94
C ALA A 299 5.53 -17.93 2.53
N LEU A 300 6.73 -18.33 3.05
CA LEU A 300 7.35 -19.63 2.82
C LEU A 300 6.47 -20.77 3.39
N ILE A 301 5.83 -20.53 4.56
CA ILE A 301 4.94 -21.46 5.27
C ILE A 301 3.74 -21.76 4.39
N HIS A 302 3.11 -20.69 3.85
CA HIS A 302 1.93 -20.87 3.02
C HIS A 302 2.25 -21.50 1.68
N LEU A 303 3.38 -21.11 1.05
CA LEU A 303 3.76 -21.64 -0.25
C LEU A 303 4.11 -23.11 -0.20
N ALA A 304 4.99 -23.49 0.70
CA ALA A 304 5.39 -24.89 0.83
C ALA A 304 4.67 -25.40 2.03
N GLY A 305 3.61 -26.19 1.85
CA GLY A 305 2.85 -26.74 2.98
C GLY A 305 3.76 -27.20 4.09
N VAL A 306 3.85 -26.40 5.19
CA VAL A 306 4.73 -26.75 6.30
C VAL A 306 3.97 -27.00 7.62
N SER A 307 4.30 -28.10 8.29
CA SER A 307 3.70 -28.41 9.58
C SER A 307 4.43 -27.62 10.70
N LEU A 308 3.72 -26.65 11.35
CA LEU A 308 4.29 -25.82 12.44
C LEU A 308 4.15 -26.43 13.84
N GLY A 309 5.24 -26.43 14.61
CA GLY A 309 5.25 -26.95 15.97
C GLY A 309 6.18 -28.12 16.28
N GLN A 310 6.84 -28.66 15.24
CA GLN A 310 7.76 -29.82 15.33
C GLN A 310 9.18 -29.51 15.88
N ARG A 311 9.35 -28.33 16.55
CA ARG A 311 10.56 -27.75 17.17
C ARG A 311 11.49 -28.72 17.98
N ARG A 312 12.80 -28.33 18.19
CA ARG A 312 13.80 -29.17 18.92
C ARG A 312 15.08 -28.51 19.54
N ALA A 313 15.83 -27.73 18.74
CA ALA A 313 17.14 -27.16 19.14
C ALA A 313 17.15 -25.88 19.97
N THR A 314 17.92 -25.91 21.07
CA THR A 314 18.05 -24.78 21.99
C THR A 314 19.54 -24.36 22.01
N ARG A 315 20.29 -24.66 23.10
CA ARG A 315 21.71 -24.37 23.23
C ARG A 315 22.49 -25.62 23.65
N PRO A 328 17.14 0.94 21.54
CA PRO A 328 16.03 1.75 22.08
C PRO A 328 15.79 3.02 21.24
N THR A 329 15.58 2.85 19.90
CA THR A 329 15.39 3.90 18.89
C THR A 329 14.36 4.92 19.35
N LYS A 330 14.75 6.21 19.36
CA LYS A 330 13.92 7.33 19.82
C LYS A 330 13.80 8.41 18.75
N ALA A 331 12.57 8.79 18.41
CA ALA A 331 12.29 9.81 17.40
C ALA A 331 12.69 11.24 17.82
N THR A 332 13.44 11.91 16.94
CA THR A 332 13.88 13.30 17.11
C THR A 332 12.61 14.16 17.01
N THR A 333 12.00 14.43 18.16
CA THR A 333 10.72 15.14 18.28
C THR A 333 10.81 16.47 18.97
N THR A 334 9.88 17.40 18.60
CA THR A 334 9.76 18.71 19.27
C THR A 334 8.89 18.48 20.52
N LYS A 335 8.92 19.43 21.48
CA LYS A 335 8.11 19.37 22.70
C LYS A 335 6.63 19.04 22.38
N LEU A 336 6.01 19.86 21.50
CA LEU A 336 4.62 19.74 21.04
C LEU A 336 4.27 18.32 20.55
N VAL A 337 5.04 17.78 19.58
CA VAL A 337 4.84 16.45 19.00
C VAL A 337 5.05 15.37 20.07
N TYR A 338 6.06 15.55 20.95
CA TYR A 338 6.27 14.58 22.02
C TYR A 338 5.03 14.51 22.90
N GLN A 339 4.61 15.68 23.44
CA GLN A 339 3.43 15.85 24.29
C GLN A 339 2.18 15.06 23.85
N ILE A 340 1.84 15.11 22.54
CA ILE A 340 0.66 14.44 21.96
C ILE A 340 0.74 12.91 22.10
N PHE A 341 1.90 12.35 21.74
CA PHE A 341 2.13 10.92 21.79
C PHE A 341 2.41 10.45 23.20
N ASP A 342 2.93 11.35 24.05
CA ASP A 342 3.17 11.08 25.45
C ASP A 342 1.83 11.02 26.24
N THR A 343 0.90 11.96 25.93
CA THR A 343 -0.41 11.96 26.60
C THR A 343 -1.28 10.78 26.20
N PHE A 344 -1.39 10.47 24.87
CA PHE A 344 -2.19 9.32 24.39
C PHE A 344 -1.87 8.02 25.15
N PHE A 345 -0.58 7.82 25.51
CA PHE A 345 -0.14 6.66 26.28
C PHE A 345 -0.65 6.81 27.73
N SER A 346 -0.38 7.97 28.38
CA SER A 346 -0.80 8.28 29.76
C SER A 346 -2.31 8.59 29.89
N GLU A 347 -3.10 8.03 28.96
CA GLU A 347 -4.55 8.13 28.89
C GLU A 347 -5.02 6.78 28.36
N GLN A 348 -5.47 6.76 27.09
CA GLN A 348 -5.96 5.60 26.37
C GLN A 348 -4.82 4.57 26.13
N ILE A 349 -4.59 3.67 27.13
CA ILE A 349 -3.61 2.55 27.14
C ILE A 349 -3.88 1.51 28.28
N GLU A 350 -4.61 0.43 27.91
CA GLU A 350 -5.03 -0.67 28.79
C GLU A 350 -4.94 -2.01 28.05
N LYS A 351 -4.71 -3.12 28.79
CA LYS A 351 -4.64 -4.46 28.18
C LYS A 351 -5.93 -5.29 28.31
N ARG A 363 -7.04 -16.54 22.01
CA ARG A 363 -7.32 -17.80 22.69
C ARG A 363 -7.88 -18.92 21.78
N ARG A 364 -7.78 -18.72 20.44
CA ARG A 364 -8.23 -19.68 19.41
C ARG A 364 -7.14 -20.75 19.07
N ARG A 365 -6.66 -21.45 20.12
CA ARG A 365 -5.64 -22.53 20.09
C ARG A 365 -6.00 -23.62 19.08
N CYS A 366 -5.00 -24.20 18.37
CA CYS A 366 -5.25 -25.22 17.34
C CYS A 366 -5.71 -26.56 17.90
N GLY A 367 -5.11 -26.96 19.02
CA GLY A 367 -5.39 -28.23 19.69
C GLY A 367 -4.52 -29.40 19.26
N VAL A 368 -4.50 -29.70 17.94
CA VAL A 368 -3.80 -30.83 17.33
C VAL A 368 -2.26 -30.72 17.21
N CYS A 369 -1.69 -29.51 17.30
CA CYS A 369 -0.24 -29.38 17.14
C CYS A 369 0.65 -29.86 18.29
N GLU A 370 1.95 -30.10 18.00
CA GLU A 370 2.97 -30.58 18.95
C GLU A 370 3.19 -29.58 20.12
N VAL A 371 2.98 -28.27 19.85
CA VAL A 371 3.06 -27.21 20.87
C VAL A 371 1.77 -27.22 21.70
N CYS A 372 0.63 -27.55 21.05
CA CYS A 372 -0.70 -27.65 21.68
C CYS A 372 -0.82 -28.90 22.55
N GLN A 373 0.13 -29.85 22.42
CA GLN A 373 0.15 -31.10 23.16
C GLN A 373 1.35 -31.14 24.14
N GLN A 374 1.59 -30.06 24.92
CA GLN A 374 2.75 -30.01 25.82
C GLN A 374 2.57 -29.04 27.00
N PRO A 375 2.57 -29.51 28.27
CA PRO A 375 2.46 -28.57 29.41
C PRO A 375 3.86 -28.14 29.93
N GLU A 376 4.04 -27.06 30.76
CA GLU A 376 3.12 -26.05 31.33
C GLU A 376 3.91 -24.80 31.81
N CYS A 377 3.19 -23.68 32.07
CA CYS A 377 3.72 -22.39 32.48
C CYS A 377 2.96 -21.76 33.66
N GLY A 378 3.66 -20.95 34.46
CA GLY A 378 3.14 -20.27 35.64
C GLY A 378 1.99 -19.30 35.40
N ALA A 398 5.67 -23.95 34.79
CA ALA A 398 7.13 -24.02 34.88
C ALA A 398 7.82 -22.80 34.26
N CYS A 399 7.18 -22.21 33.21
CA CYS A 399 7.71 -21.05 32.49
C CYS A 399 6.67 -19.96 32.26
N LEU A 400 6.70 -19.32 31.07
CA LEU A 400 5.81 -18.21 30.67
C LEU A 400 5.38 -18.26 29.14
N LYS A 401 5.64 -19.42 28.44
CA LYS A 401 5.40 -19.67 27.01
C LYS A 401 5.12 -21.15 26.60
N ARG A 402 3.94 -21.37 25.98
CA ARG A 402 3.39 -22.65 25.50
C ARG A 402 2.36 -22.31 24.38
N ARG A 403 2.51 -21.12 23.79
CA ARG A 403 1.63 -20.58 22.79
C ARG A 403 1.72 -21.21 21.38
N CYS A 404 0.58 -21.68 20.85
CA CYS A 404 0.38 -22.33 19.55
C CYS A 404 0.90 -21.52 18.33
N PRO A 405 1.72 -22.17 17.45
CA PRO A 405 2.24 -21.44 16.28
C PRO A 405 1.27 -21.32 15.11
N ASN A 406 0.31 -22.25 14.97
CA ASN A 406 -0.65 -22.17 13.88
C ASN A 406 -1.61 -21.02 14.15
N LEU A 407 -2.01 -20.83 15.41
CA LEU A 407 -2.85 -19.71 15.84
C LEU A 407 -2.07 -18.40 15.60
N ALA A 408 -0.82 -18.35 16.11
CA ALA A 408 0.10 -17.20 15.97
C ALA A 408 0.10 -16.62 14.52
N VAL A 409 0.09 -17.52 13.48
CA VAL A 409 0.09 -17.19 12.04
C VAL A 409 -1.25 -16.63 11.61
N LYS A 410 -2.37 -17.37 11.87
CA LYS A 410 -3.72 -16.92 11.49
C LYS A 410 -3.90 -15.48 12.01
N GLU A 411 -3.57 -15.21 13.28
CA GLU A 411 -3.63 -13.89 13.91
C GLU A 411 -2.70 -12.90 13.17
N ALA A 412 -1.42 -13.28 12.93
CA ALA A 412 -0.44 -12.43 12.26
C ALA A 412 -0.86 -12.06 10.87
N ASP A 413 -1.64 -12.95 10.21
CA ASP A 413 -2.15 -12.79 8.87
C ASP A 413 -3.35 -11.87 8.90
N ASP A 414 -4.28 -12.09 9.84
CA ASP A 414 -5.51 -11.29 9.96
C ASP A 414 -5.26 -9.80 10.33
N ASP A 415 -4.15 -9.56 11.04
CA ASP A 415 -3.70 -8.24 11.44
C ASP A 415 -3.28 -7.46 10.21
N GLU A 416 -2.88 -8.17 9.14
CA GLU A 416 -2.43 -7.56 7.89
C GLU A 416 -3.57 -7.03 7.02
N GLU A 417 -4.77 -7.67 7.08
CA GLU A 417 -5.94 -7.31 6.28
C GLU A 417 -6.88 -6.33 6.97
N ALA A 418 -7.51 -5.45 6.19
CA ALA A 418 -8.46 -4.46 6.68
C ALA A 418 -9.89 -4.81 6.20
N ASP A 419 -10.85 -3.85 6.27
CA ASP A 419 -12.25 -4.05 5.84
C ASP A 419 -12.80 -2.81 5.08
N ASP A 420 -12.90 -2.94 3.72
CA ASP A 420 -13.38 -1.93 2.77
C ASP A 420 -14.88 -2.13 2.40
N GLU A 424 -21.94 -0.94 0.23
CA GLU A 424 -20.82 -0.75 1.16
C GLU A 424 -21.34 -0.35 2.56
N MET A 425 -21.20 0.94 2.93
CA MET A 425 -21.66 1.52 4.20
C MET A 425 -22.33 2.87 3.89
N PRO A 426 -23.54 3.13 4.43
CA PRO A 426 -24.22 4.39 4.13
C PRO A 426 -23.60 5.60 4.85
N SER A 427 -23.91 6.81 4.33
CA SER A 427 -23.44 8.12 4.79
C SER A 427 -23.53 8.34 6.33
N PRO A 428 -22.53 9.03 6.95
CA PRO A 428 -22.61 9.27 8.41
C PRO A 428 -23.65 10.32 8.78
N LYS A 429 -24.42 10.04 9.85
CA LYS A 429 -25.49 10.90 10.35
C LYS A 429 -24.94 12.27 10.77
N LYS A 430 -25.67 13.34 10.42
CA LYS A 430 -25.32 14.72 10.76
C LYS A 430 -25.55 14.94 12.25
N LEU A 431 -24.59 15.58 12.95
CA LEU A 431 -24.69 15.87 14.40
C LEU A 431 -25.87 16.80 14.74
N HIS A 432 -26.30 16.80 16.02
CA HIS A 432 -27.35 17.65 16.60
C HIS A 432 -28.74 17.57 15.95
N GLN A 433 -29.10 16.39 15.36
CA GLN A 433 -30.44 16.19 14.75
C GLN A 433 -31.23 14.91 15.16
N GLY A 434 -31.39 14.63 16.46
CA GLY A 434 -30.90 15.39 17.60
C GLY A 434 -32.04 16.05 18.35
N LYS A 435 -32.09 15.82 19.67
CA LYS A 435 -33.11 16.39 20.55
C LYS A 435 -32.51 17.13 21.75
N LYS A 436 -33.03 18.34 21.98
CA LYS A 436 -32.64 19.28 23.02
C LYS A 436 -33.85 19.53 23.92
N LYS A 437 -33.63 19.72 25.24
CA LYS A 437 -34.72 19.95 26.19
C LYS A 437 -34.76 21.34 26.80
N LYS A 438 -35.98 21.96 26.84
CA LYS A 438 -36.24 23.30 27.39
C LYS A 438 -36.01 23.35 28.91
N GLN A 439 -35.73 24.54 29.43
CA GLN A 439 -35.41 24.70 30.85
C GLN A 439 -36.31 25.72 31.60
N ASN A 440 -35.71 26.87 32.01
CA ASN A 440 -36.24 27.98 32.79
C ASN A 440 -37.63 28.53 32.45
N LYS A 441 -38.32 29.00 33.51
CA LYS A 441 -39.59 29.72 33.48
C LYS A 441 -39.58 30.77 34.64
N ASP A 442 -38.58 31.69 34.59
CA ASP A 442 -38.39 32.78 35.55
C ASP A 442 -38.64 34.12 34.88
N ARG A 443 -37.62 34.74 34.25
CA ARG A 443 -37.79 36.00 33.54
C ARG A 443 -36.80 36.24 32.40
N ILE A 444 -37.30 36.14 31.16
CA ILE A 444 -36.56 36.41 29.92
C ILE A 444 -37.19 37.69 29.34
N SER A 445 -36.42 38.80 29.34
CA SER A 445 -36.88 40.10 28.85
C SER A 445 -35.83 40.72 27.97
N TRP A 446 -36.25 41.40 26.89
CA TRP A 446 -35.32 42.04 25.96
C TRP A 446 -34.59 43.21 26.59
N LEU A 447 -33.40 43.54 26.05
CA LEU A 447 -32.56 44.64 26.51
C LEU A 447 -32.14 45.56 25.36
N GLY A 448 -32.50 46.84 25.49
CA GLY A 448 -32.19 47.86 24.50
C GLY A 448 -33.19 47.99 23.37
N GLN A 449 -32.89 48.89 22.41
CA GLN A 449 -33.72 49.19 21.23
C GLN A 449 -33.44 48.17 20.09
N PRO A 450 -34.51 47.60 19.41
CA PRO A 450 -34.29 46.62 18.33
C PRO A 450 -33.23 46.98 17.29
N MET A 451 -32.44 45.99 16.84
CA MET A 451 -31.40 46.16 15.82
C MET A 451 -32.04 46.45 14.47
N LYS A 452 -33.00 45.62 14.05
CA LYS A 452 -33.71 45.77 12.77
C LYS A 452 -35.10 45.13 12.82
N ILE A 453 -35.78 45.03 11.64
CA ILE A 453 -37.09 44.39 11.45
C ILE A 453 -37.05 43.54 10.14
N GLU A 454 -37.90 42.50 10.02
CA GLU A 454 -37.96 41.64 8.84
C GLU A 454 -39.38 41.12 8.53
N ARG A 457 -42.32 40.16 9.81
CA ARG A 457 -42.71 38.99 10.61
C ARG A 457 -41.73 38.64 11.76
N THR A 458 -40.51 39.23 11.76
CA THR A 458 -39.48 39.04 12.80
C THR A 458 -38.89 40.40 13.26
N TYR A 459 -38.60 40.56 14.57
CA TYR A 459 -38.06 41.78 15.17
C TYR A 459 -36.75 41.51 15.99
N TYR A 460 -35.58 41.65 15.30
CA TYR A 460 -34.22 41.40 15.81
C TYR A 460 -33.75 42.35 16.89
N GLN A 461 -33.11 41.80 17.93
CA GLN A 461 -32.60 42.51 19.10
C GLN A 461 -31.09 42.16 19.29
N LYS A 462 -30.38 42.93 20.14
CA LYS A 462 -28.95 42.70 20.37
C LYS A 462 -28.68 42.04 21.74
N VAL A 463 -29.49 42.36 22.76
CA VAL A 463 -29.29 41.79 24.10
C VAL A 463 -30.61 41.20 24.67
N SER A 464 -30.49 40.13 25.49
CA SER A 464 -31.61 39.45 26.15
C SER A 464 -31.22 39.08 27.58
N ILE A 465 -32.08 39.41 28.57
CA ILE A 465 -31.79 39.10 29.97
C ILE A 465 -32.62 37.96 30.60
N ASP A 466 -32.04 36.75 30.62
CA ASP A 466 -32.60 35.55 31.24
C ASP A 466 -31.95 35.53 32.62
N GLU A 467 -32.42 36.45 33.51
CA GLU A 467 -31.88 36.69 34.87
C GLU A 467 -30.53 37.47 34.85
N GLU A 468 -29.60 37.09 33.89
CA GLU A 468 -28.28 37.72 33.62
C GLU A 468 -28.11 38.06 32.10
N MET A 469 -27.26 39.06 31.77
CA MET A 469 -26.98 39.57 30.42
C MET A 469 -26.42 38.56 29.40
N LEU A 470 -27.04 38.49 28.19
CA LEU A 470 -26.67 37.61 27.07
C LEU A 470 -26.73 38.33 25.71
N GLU A 471 -25.55 38.76 25.20
CA GLU A 471 -25.40 39.49 23.93
C GLU A 471 -25.35 38.57 22.71
N VAL A 472 -25.44 39.15 21.49
CA VAL A 472 -25.31 38.43 20.22
C VAL A 472 -23.81 38.16 20.02
N GLY A 473 -23.47 36.92 19.63
CA GLY A 473 -22.10 36.50 19.41
C GLY A 473 -21.49 35.83 20.61
N ASP A 474 -22.29 35.65 21.65
CA ASP A 474 -21.89 34.96 22.87
C ASP A 474 -22.16 33.48 22.65
N CYS A 475 -21.56 32.63 23.46
CA CYS A 475 -21.77 31.21 23.29
C CYS A 475 -22.65 30.65 24.37
N VAL A 476 -23.44 29.65 24.01
CA VAL A 476 -24.36 29.02 24.94
C VAL A 476 -24.24 27.51 25.00
N SER A 477 -24.76 26.92 26.08
CA SER A 477 -24.76 25.48 26.28
C SER A 477 -26.21 25.09 26.29
N VAL A 478 -26.52 23.94 25.66
CA VAL A 478 -27.88 23.41 25.58
C VAL A 478 -27.91 21.96 26.09
N ILE A 479 -28.64 21.74 27.20
CA ILE A 479 -28.84 20.45 27.85
C ILE A 479 -29.74 19.56 26.95
N PRO A 480 -29.24 18.45 26.40
CA PRO A 480 -30.10 17.60 25.56
C PRO A 480 -30.85 16.56 26.40
N ASP A 481 -31.49 15.58 25.73
CA ASP A 481 -32.18 14.48 26.39
C ASP A 481 -31.15 13.47 26.92
N ASP A 482 -31.32 13.05 28.19
CA ASP A 482 -30.40 12.12 28.90
C ASP A 482 -30.29 10.73 28.24
N SER A 483 -29.53 10.67 27.12
CA SER A 483 -29.25 9.49 26.29
C SER A 483 -27.77 9.61 25.88
N SER A 484 -27.49 9.89 24.58
CA SER A 484 -26.15 10.21 24.10
C SER A 484 -25.94 11.57 24.80
N LYS A 485 -25.17 11.56 25.91
CA LYS A 485 -25.04 12.71 26.79
C LYS A 485 -23.97 13.84 26.60
N PRO A 486 -23.42 14.18 25.41
CA PRO A 486 -22.52 15.35 25.38
C PRO A 486 -23.36 16.64 25.44
N LEU A 487 -22.89 17.66 26.16
CA LEU A 487 -23.61 18.92 26.27
C LEU A 487 -23.50 19.66 24.94
N TYR A 488 -24.66 20.09 24.35
CA TYR A 488 -24.66 20.82 23.07
C TYR A 488 -24.13 22.25 23.26
N LEU A 489 -23.27 22.72 22.35
CA LEU A 489 -22.62 24.04 22.41
C LEU A 489 -22.92 24.85 21.16
N ALA A 490 -23.35 26.11 21.32
CA ALA A 490 -23.70 26.95 20.18
C ALA A 490 -23.34 28.42 20.30
N ARG A 491 -23.08 29.04 19.16
CA ARG A 491 -22.80 30.45 19.08
C ARG A 491 -24.13 31.14 18.75
N VAL A 492 -24.58 32.04 19.67
CA VAL A 492 -25.80 32.86 19.55
C VAL A 492 -25.54 33.81 18.39
N THR A 493 -26.11 33.47 17.24
CA THR A 493 -25.99 34.20 15.99
C THR A 493 -26.92 35.41 16.02
N ALA A 494 -28.19 35.18 16.40
CA ALA A 494 -29.24 36.18 16.37
C ALA A 494 -30.22 36.05 17.53
N LEU A 495 -30.82 37.18 17.93
CA LEU A 495 -31.85 37.28 18.96
C LEU A 495 -33.01 38.06 18.36
N TRP A 496 -34.24 37.50 18.41
CA TRP A 496 -35.44 38.16 17.87
C TRP A 496 -36.75 37.67 18.45
N GLU A 497 -37.85 38.35 18.08
CA GLU A 497 -39.19 38.01 18.49
C GLU A 497 -40.05 37.71 17.25
N ASP A 498 -40.66 36.53 17.21
CA ASP A 498 -41.47 36.20 16.03
C ASP A 498 -42.86 36.77 16.12
N LYS A 499 -43.60 36.70 15.01
CA LYS A 499 -44.97 37.20 14.89
C LYS A 499 -45.90 36.66 15.98
N ASN A 500 -45.59 35.49 16.56
CA ASN A 500 -46.41 34.93 17.63
C ASN A 500 -45.88 35.30 19.03
N GLY A 501 -45.16 36.42 19.07
CA GLY A 501 -44.59 37.02 20.27
C GLY A 501 -43.72 36.10 21.07
N GLN A 502 -43.16 35.08 20.41
CA GLN A 502 -42.32 34.10 21.05
C GLN A 502 -40.87 34.56 20.88
N MET A 503 -40.09 34.52 21.97
CA MET A 503 -38.70 34.95 21.92
C MET A 503 -37.81 33.87 21.28
N MET A 504 -37.15 34.21 20.15
CA MET A 504 -36.34 33.30 19.36
C MET A 504 -34.85 33.58 19.30
N PHE A 505 -34.08 32.56 18.94
CA PHE A 505 -32.65 32.74 18.77
C PHE A 505 -32.09 31.81 17.69
N HIS A 506 -30.96 32.19 17.08
CA HIS A 506 -30.31 31.36 16.07
C HIS A 506 -29.05 30.79 16.68
N ALA A 507 -29.05 29.44 16.82
CA ALA A 507 -27.96 28.67 17.42
C ALA A 507 -27.09 28.01 16.35
N HIS A 508 -25.87 28.55 16.13
CA HIS A 508 -24.90 27.99 15.20
C HIS A 508 -24.04 27.03 16.06
N TRP A 509 -24.25 25.73 15.88
CA TRP A 509 -23.62 24.65 16.66
C TRP A 509 -22.12 24.45 16.53
N PHE A 510 -21.52 23.96 17.61
CA PHE A 510 -20.10 23.60 17.63
C PHE A 510 -20.00 22.09 17.77
N CYS A 511 -18.94 21.55 17.18
CA CYS A 511 -18.61 20.16 17.18
C CYS A 511 -17.53 19.96 18.19
N ALA A 512 -17.74 19.00 19.11
CA ALA A 512 -16.75 18.66 20.12
C ALA A 512 -15.65 17.83 19.48
N GLY A 513 -14.43 17.96 20.01
CA GLY A 513 -13.24 17.25 19.52
C GLY A 513 -13.46 15.77 19.34
N THR A 514 -14.16 15.14 20.28
CA THR A 514 -14.46 13.73 20.21
C THR A 514 -15.46 13.38 19.09
N ASP A 515 -16.26 14.37 18.64
CA ASP A 515 -17.24 14.12 17.59
C ASP A 515 -16.71 14.28 16.16
N THR A 516 -15.44 14.73 16.03
CA THR A 516 -14.75 14.86 14.74
C THR A 516 -13.97 13.57 14.49
N VAL A 517 -13.39 13.42 13.27
CA VAL A 517 -12.63 12.22 12.90
C VAL A 517 -11.65 11.81 14.01
N LEU A 518 -11.03 12.83 14.66
CA LEU A 518 -10.05 12.75 15.75
C LEU A 518 -10.47 11.85 16.87
N GLY A 519 -11.69 12.03 17.36
CA GLY A 519 -12.24 11.25 18.46
C GLY A 519 -11.44 11.48 19.72
N ALA A 520 -11.18 10.38 20.47
CA ALA A 520 -10.37 10.32 21.70
C ALA A 520 -9.06 11.15 21.68
N THR A 521 -8.38 11.21 20.53
CA THR A 521 -7.12 11.92 20.36
C THR A 521 -7.23 13.40 20.69
N SER A 522 -8.44 14.01 20.54
CA SER A 522 -8.64 15.44 20.79
C SER A 522 -8.70 15.91 22.23
N ASP A 523 -8.46 17.24 22.38
CA ASP A 523 -8.50 18.01 23.61
C ASP A 523 -9.96 18.06 24.09
N PRO A 524 -10.25 17.63 25.34
CA PRO A 524 -11.64 17.70 25.83
C PRO A 524 -12.24 19.11 25.78
N LEU A 525 -11.37 20.12 25.68
CA LEU A 525 -11.73 21.53 25.63
C LEU A 525 -11.82 22.09 24.23
N GLU A 526 -11.15 21.46 23.23
CA GLU A 526 -11.19 21.96 21.85
C GLU A 526 -12.52 21.67 21.18
N LEU A 527 -13.10 22.72 20.60
CA LEU A 527 -14.37 22.69 19.88
C LEU A 527 -14.09 23.10 18.41
N PHE A 528 -14.99 22.71 17.49
CA PHE A 528 -14.84 22.98 16.05
C PHE A 528 -16.09 23.59 15.43
N LEU A 529 -15.92 24.60 14.55
CA LEU A 529 -17.06 25.21 13.87
C LEU A 529 -17.60 24.23 12.83
N VAL A 530 -18.94 24.03 12.81
CA VAL A 530 -19.59 23.15 11.83
C VAL A 530 -20.67 23.86 11.04
N GLY A 531 -21.14 23.20 9.98
CA GLY A 531 -22.21 23.68 9.11
C GLY A 531 -23.54 23.23 9.66
N GLU A 532 -23.74 23.52 10.96
CA GLU A 532 -24.92 23.13 11.70
C GLU A 532 -25.43 24.32 12.49
N CYS A 533 -26.65 24.73 12.18
CA CYS A 533 -27.37 25.79 12.86
C CYS A 533 -28.87 25.57 12.68
N GLU A 534 -29.64 26.02 13.67
CA GLU A 534 -31.10 25.92 13.71
C GLU A 534 -31.69 27.04 14.61
N ASN A 535 -32.96 27.41 14.35
CA ASN A 535 -33.65 28.40 15.18
C ASN A 535 -34.18 27.71 16.43
N MET A 536 -34.20 28.42 17.55
CA MET A 536 -34.65 27.84 18.82
C MET A 536 -35.26 28.86 19.74
N GLN A 537 -36.18 28.42 20.61
CA GLN A 537 -36.78 29.33 21.61
C GLN A 537 -35.75 29.49 22.72
N LEU A 538 -35.69 30.68 23.33
CA LEU A 538 -34.76 31.01 24.42
C LEU A 538 -34.84 30.11 25.66
N SER A 539 -35.87 29.23 25.71
CA SER A 539 -36.09 28.25 26.78
C SER A 539 -35.03 27.12 26.75
N TYR A 540 -34.62 26.68 25.53
CA TYR A 540 -33.62 25.63 25.31
C TYR A 540 -32.22 25.96 25.82
N ILE A 541 -31.92 27.26 26.03
CA ILE A 541 -30.63 27.75 26.54
C ILE A 541 -30.43 27.31 27.99
N HIS A 542 -29.23 26.80 28.32
CA HIS A 542 -28.87 26.42 29.66
C HIS A 542 -28.10 27.58 30.30
N SER A 543 -26.85 27.82 29.89
CA SER A 543 -26.03 28.90 30.43
C SER A 543 -25.15 29.57 29.37
N LYS A 544 -24.46 30.64 29.76
CA LYS A 544 -23.50 31.33 28.91
C LYS A 544 -22.19 30.59 29.13
N VAL A 545 -21.43 30.38 28.06
CA VAL A 545 -20.16 29.65 28.10
C VAL A 545 -19.05 30.46 27.43
N LYS A 546 -17.84 30.48 28.05
CA LYS A 546 -16.64 31.16 27.55
C LYS A 546 -16.00 30.30 26.46
N VAL A 547 -16.09 30.77 25.18
CA VAL A 547 -15.50 30.06 24.03
C VAL A 547 -14.54 31.00 23.24
N ILE A 548 -13.23 30.70 23.40
CA ILE A 548 -12.07 31.42 22.89
C ILE A 548 -11.61 30.92 21.51
N TYR A 549 -11.16 31.84 20.64
CA TYR A 549 -10.61 31.53 19.33
C TYR A 549 -9.08 31.56 19.44
N LYS A 550 -8.45 30.35 19.46
CA LYS A 550 -6.99 30.20 19.56
C LYS A 550 -6.34 30.53 18.20
N ALA A 551 -6.44 31.82 17.79
CA ALA A 551 -5.91 32.36 16.55
C ALA A 551 -4.41 32.12 16.42
N PRO A 552 -3.85 31.98 15.19
CA PRO A 552 -2.40 31.79 15.08
C PRO A 552 -1.63 33.09 15.38
N SER A 553 -0.40 33.00 15.93
CA SER A 553 0.41 34.19 16.21
C SER A 553 0.79 34.93 14.93
N GLU A 554 1.21 36.22 15.08
CA GLU A 554 1.66 37.06 13.97
C GLU A 554 2.78 36.29 13.26
N ASN A 555 3.72 35.75 14.07
CA ASN A 555 4.77 34.88 13.61
C ASN A 555 4.40 33.50 14.16
N TRP A 556 3.70 32.74 13.31
CA TRP A 556 3.25 31.40 13.63
C TRP A 556 4.32 30.44 13.13
N ALA A 557 4.89 30.75 11.95
CA ALA A 557 5.93 29.96 11.28
C ALA A 557 7.16 29.75 12.13
N MET A 558 7.48 30.70 13.01
CA MET A 558 8.66 30.58 13.86
C MET A 558 8.40 29.87 15.19
N GLU A 559 7.14 29.50 15.46
CA GLU A 559 6.77 28.90 16.73
C GLU A 559 7.09 27.43 17.02
N GLY A 560 7.67 26.72 16.04
CA GLY A 560 8.04 25.31 16.18
C GLY A 560 9.10 25.02 17.22
N GLY A 561 8.67 24.52 18.39
CA GLY A 561 9.54 24.23 19.53
C GLY A 561 10.11 25.47 20.22
N LYS A 575 -8.74 25.25 32.91
CA LYS A 575 -9.01 26.16 31.80
C LYS A 575 -10.46 25.98 31.22
N THR A 576 -10.82 26.78 30.17
CA THR A 576 -12.12 26.80 29.49
C THR A 576 -12.04 26.42 27.99
N TYR A 577 -13.21 26.19 27.35
CA TYR A 577 -13.38 25.81 25.94
C TYR A 577 -12.75 26.76 24.93
N PHE A 578 -12.12 26.19 23.91
CA PHE A 578 -11.48 26.95 22.84
C PHE A 578 -11.77 26.34 21.46
N PHE A 579 -11.60 27.14 20.40
CA PHE A 579 -11.80 26.66 19.05
C PHE A 579 -10.64 27.09 18.15
N GLN A 580 -10.50 26.48 16.96
CA GLN A 580 -9.43 26.80 16.01
C GLN A 580 -9.80 26.61 14.54
N LEU A 581 -10.41 25.46 14.18
CA LEU A 581 -10.73 25.19 12.79
C LEU A 581 -12.20 24.82 12.50
N TRP A 582 -12.57 24.90 11.21
CA TRP A 582 -13.87 24.58 10.66
C TRP A 582 -13.79 23.13 10.17
N TYR A 583 -14.73 22.28 10.61
CA TYR A 583 -14.77 20.86 10.27
C TYR A 583 -15.92 20.43 9.33
N ASN A 584 -15.58 19.88 8.14
CA ASN A 584 -16.58 19.32 7.21
C ASN A 584 -16.65 17.79 7.37
N GLN A 585 -17.69 17.29 8.07
CA GLN A 585 -17.94 15.87 8.36
C GLN A 585 -17.79 14.93 7.13
N GLU A 586 -18.51 15.26 6.04
CA GLU A 586 -18.59 14.55 4.76
C GLU A 586 -17.24 14.23 4.16
N TYR A 587 -16.27 15.18 4.26
CA TYR A 587 -14.93 15.08 3.67
C TYR A 587 -13.73 15.14 4.61
N ALA A 588 -13.95 15.07 5.95
CA ALA A 588 -12.91 15.12 7.01
C ALA A 588 -11.87 16.21 6.75
N ARG A 589 -12.36 17.42 6.45
CA ARG A 589 -11.55 18.60 6.16
C ARG A 589 -11.58 19.54 7.34
N PHE A 590 -10.41 19.75 7.97
CA PHE A 590 -10.26 20.74 9.02
C PHE A 590 -9.70 21.93 8.27
N GLU A 591 -10.39 23.08 8.34
CA GLU A 591 -9.96 24.28 7.63
C GLU A 591 -10.03 25.55 8.46
N SER A 592 -9.22 26.55 8.07
CA SER A 592 -9.15 27.86 8.70
C SER A 592 -10.53 28.56 8.56
N PRO A 593 -11.13 29.08 9.68
CA PRO A 593 -12.44 29.75 9.58
C PRO A 593 -12.45 30.92 8.58
N PRO A 594 -13.60 31.16 7.90
CA PRO A 594 -13.66 32.21 6.87
C PRO A 594 -13.13 33.58 7.27
N LYS A 595 -13.85 34.27 8.17
CA LYS A 595 -13.51 35.60 8.69
C LYS A 595 -13.49 36.76 7.64
N THR A 596 -14.66 37.25 7.16
CA THR A 596 -16.05 36.82 7.40
C THR A 596 -16.95 37.23 6.21
N GLN A 597 -17.54 38.47 6.12
CA GLN A 597 -17.63 39.61 7.08
C GLN A 597 -19.11 40.06 7.35
N PRO A 598 -19.46 40.60 8.55
CA PRO A 598 -20.86 40.99 8.78
C PRO A 598 -21.21 42.35 8.19
N THR A 599 -21.97 42.32 7.07
CA THR A 599 -22.44 43.53 6.36
C THR A 599 -23.54 44.21 7.22
N GLU A 600 -23.73 45.53 7.08
CA GLU A 600 -24.75 46.23 7.88
C GLU A 600 -26.19 45.85 7.53
N ASP A 601 -26.35 45.07 6.45
CA ASP A 601 -27.62 44.52 5.96
C ASP A 601 -27.81 43.09 6.49
N ASN A 602 -26.83 42.58 7.28
CA ASN A 602 -26.81 41.28 7.95
C ASN A 602 -25.79 41.20 9.11
N LYS A 603 -25.79 42.22 9.98
CA LYS A 603 -24.91 42.29 11.16
C LYS A 603 -25.62 41.71 12.38
N HIS A 604 -26.92 41.40 12.20
CA HIS A 604 -27.84 40.85 13.19
C HIS A 604 -28.11 39.36 12.94
N LYS A 605 -28.20 38.95 11.64
CA LYS A 605 -28.45 37.59 11.14
C LYS A 605 -27.17 36.75 10.91
N PHE A 606 -26.00 37.36 11.13
CA PHE A 606 -24.67 36.81 10.84
C PHE A 606 -24.32 35.34 11.18
N CYS A 607 -24.81 34.39 10.35
CA CYS A 607 -24.53 32.98 10.51
C CYS A 607 -23.72 32.44 9.37
N LEU A 608 -22.47 32.11 9.67
CA LEU A 608 -21.52 31.54 8.72
C LEU A 608 -22.05 30.23 8.14
N SER A 609 -22.67 29.37 9.00
CA SER A 609 -23.25 28.08 8.57
C SER A 609 -24.38 28.28 7.57
N CYS A 610 -25.10 29.41 7.71
CA CYS A 610 -26.16 29.76 6.80
C CYS A 610 -25.60 30.30 5.51
N ILE A 611 -24.52 31.11 5.58
CA ILE A 611 -23.83 31.68 4.42
C ILE A 611 -23.23 30.58 3.53
N ARG A 612 -22.49 29.62 4.15
CA ARG A 612 -21.87 28.50 3.44
C ARG A 612 -22.93 27.79 2.64
N LEU A 613 -24.00 27.32 3.32
CA LEU A 613 -25.09 26.61 2.65
C LEU A 613 -25.64 27.41 1.47
N ALA A 614 -25.87 28.72 1.65
CA ALA A 614 -26.40 29.62 0.61
C ALA A 614 -25.55 29.57 -0.66
N GLU A 615 -24.21 29.79 -0.49
CA GLU A 615 -23.19 29.77 -1.56
C GLU A 615 -23.20 28.43 -2.28
N LEU A 616 -23.30 27.35 -1.51
CA LEU A 616 -23.33 25.97 -1.99
C LEU A 616 -24.57 25.72 -2.84
N ARG A 617 -25.75 26.16 -2.36
CA ARG A 617 -27.02 26.01 -3.06
C ARG A 617 -27.01 26.78 -4.39
N GLN A 618 -26.31 27.95 -4.41
CA GLN A 618 -26.15 28.82 -5.58
C GLN A 618 -25.33 28.18 -6.70
N LYS A 619 -24.18 27.53 -6.34
CA LYS A 619 -23.28 26.82 -7.26
C LYS A 619 -23.99 25.57 -7.81
N GLU A 620 -24.64 24.79 -6.94
CA GLU A 620 -25.39 23.58 -7.30
C GLU A 620 -26.67 23.87 -8.14
N MET A 621 -27.02 25.17 -8.26
CA MET A 621 -28.20 25.69 -8.95
C MET A 621 -28.03 25.84 -10.50
N PRO A 622 -28.82 25.10 -11.32
CA PRO A 622 -28.76 25.31 -12.79
C PRO A 622 -29.47 26.61 -13.15
N LYS A 623 -28.72 27.58 -13.67
CA LYS A 623 -29.30 28.88 -13.99
C LYS A 623 -28.94 29.37 -15.41
N VAL A 624 -29.91 30.05 -16.08
CA VAL A 624 -29.74 30.68 -17.39
C VAL A 624 -29.15 32.06 -17.11
N LEU A 625 -28.13 32.43 -17.88
CA LEU A 625 -27.45 33.73 -17.70
C LEU A 625 -27.90 34.75 -18.75
N GLU A 626 -27.98 34.30 -20.01
CA GLU A 626 -28.37 35.08 -21.17
C GLU A 626 -29.23 34.20 -22.07
N GLN A 627 -30.33 34.79 -22.57
CA GLN A 627 -31.26 34.13 -23.48
C GLN A 627 -31.37 34.93 -24.76
N ILE A 628 -31.55 34.25 -25.91
CA ILE A 628 -31.64 34.90 -27.22
C ILE A 628 -33.08 35.40 -27.47
N GLU A 629 -33.96 34.53 -27.99
CA GLU A 629 -35.37 34.81 -28.28
C GLU A 629 -36.15 33.48 -28.26
N GLU A 630 -37.21 33.40 -27.43
CA GLU A 630 -38.03 32.19 -27.23
C GLU A 630 -38.75 31.66 -28.48
N VAL A 631 -39.06 30.34 -28.47
CA VAL A 631 -39.76 29.66 -29.55
C VAL A 631 -41.07 29.00 -29.03
N ASP A 632 -41.34 27.73 -29.38
CA ASP A 632 -42.58 26.99 -29.07
C ASP A 632 -42.76 26.61 -27.58
N GLY A 633 -42.76 27.61 -26.70
CA GLY A 633 -42.88 27.40 -25.26
C GLY A 633 -41.57 27.01 -24.59
N ARG A 634 -40.45 27.10 -25.35
CA ARG A 634 -39.06 26.81 -24.94
C ARG A 634 -38.15 27.96 -25.39
N VAL A 635 -37.40 28.55 -24.43
CA VAL A 635 -36.52 29.72 -24.67
C VAL A 635 -35.12 29.30 -25.12
N TYR A 636 -34.64 29.87 -26.24
CA TYR A 636 -33.30 29.55 -26.75
C TYR A 636 -32.30 30.53 -26.16
N CYS A 637 -31.24 29.99 -25.47
CA CYS A 637 -30.23 30.73 -24.70
C CYS A 637 -28.82 30.73 -25.28
N SER A 638 -27.97 31.67 -24.82
CA SER A 638 -26.57 31.84 -25.24
C SER A 638 -25.50 31.52 -24.17
N SER A 639 -25.92 31.36 -22.88
CA SER A 639 -25.07 31.02 -21.73
C SER A 639 -25.86 30.56 -20.48
N ILE A 640 -25.46 29.38 -19.94
CA ILE A 640 -26.03 28.74 -18.74
C ILE A 640 -24.94 28.42 -17.72
N THR A 641 -25.32 28.00 -16.50
CA THR A 641 -24.35 27.69 -15.44
C THR A 641 -24.77 26.59 -14.47
N LYS A 642 -23.78 26.04 -13.75
CA LYS A 642 -23.86 25.04 -12.68
C LYS A 642 -22.47 24.68 -12.12
N ASN A 643 -22.45 24.34 -10.82
CA ASN A 643 -21.29 23.95 -10.02
C ASN A 643 -20.11 24.94 -9.99
N GLY A 644 -20.27 26.06 -10.70
CA GLY A 644 -19.28 27.11 -10.81
C GLY A 644 -18.75 27.26 -12.23
N VAL A 645 -19.30 26.43 -13.14
CA VAL A 645 -18.90 26.39 -14.54
C VAL A 645 -19.94 27.12 -15.39
N VAL A 646 -19.48 28.03 -16.26
CA VAL A 646 -20.34 28.79 -17.19
C VAL A 646 -20.30 28.14 -18.60
N TYR A 647 -21.44 27.59 -19.04
CA TYR A 647 -21.59 26.89 -20.32
C TYR A 647 -22.21 27.79 -21.40
N ARG A 648 -21.42 28.18 -22.43
CA ARG A 648 -21.88 29.01 -23.55
C ARG A 648 -22.15 28.14 -24.78
N LEU A 649 -22.62 28.76 -25.88
CA LEU A 649 -22.89 28.06 -27.14
C LEU A 649 -21.55 27.86 -27.84
N GLY A 650 -21.31 26.63 -28.29
CA GLY A 650 -20.06 26.24 -28.93
C GLY A 650 -19.08 25.55 -27.99
N ASP A 651 -19.25 25.77 -26.66
CA ASP A 651 -18.43 25.15 -25.62
C ASP A 651 -18.73 23.65 -25.66
N SER A 652 -17.70 22.81 -25.44
CA SER A 652 -17.89 21.36 -25.49
C SER A 652 -18.25 20.76 -24.12
N VAL A 653 -18.91 19.58 -24.13
CA VAL A 653 -19.45 18.97 -22.93
C VAL A 653 -19.18 17.47 -22.75
N TYR A 654 -18.94 17.05 -21.48
CA TYR A 654 -18.74 15.67 -21.03
C TYR A 654 -20.09 15.12 -20.56
N LEU A 655 -20.44 13.90 -20.97
CA LEU A 655 -21.68 13.26 -20.60
C LEU A 655 -21.43 11.77 -20.37
N PRO A 656 -22.28 11.05 -19.58
CA PRO A 656 -22.04 9.60 -19.36
C PRO A 656 -22.19 8.74 -20.61
N PRO A 657 -21.56 7.54 -20.67
CA PRO A 657 -21.71 6.68 -21.86
C PRO A 657 -23.16 6.38 -22.32
N GLU A 658 -24.10 6.51 -21.39
CA GLU A 658 -25.54 6.28 -21.56
C GLU A 658 -26.26 7.45 -22.24
N ALA A 659 -25.68 8.67 -22.17
CA ALA A 659 -26.25 9.92 -22.69
C ALA A 659 -26.67 9.97 -24.16
N PHE A 660 -26.00 9.18 -25.02
CA PHE A 660 -26.33 9.07 -26.44
C PHE A 660 -25.71 7.84 -27.08
N THR A 661 -25.93 7.66 -28.38
CA THR A 661 -25.40 6.50 -29.07
C THR A 661 -24.78 6.79 -30.45
N PHE A 662 -23.95 5.86 -30.93
CA PHE A 662 -23.33 5.93 -32.24
C PHE A 662 -23.88 4.78 -33.09
N ASN A 663 -23.57 4.78 -34.42
CA ASN A 663 -23.99 3.72 -35.35
C ASN A 663 -23.16 2.46 -35.08
N ILE A 664 -23.74 1.62 -34.20
CA ILE A 664 -23.21 0.37 -33.64
C ILE A 664 -23.20 -0.85 -34.62
N LYS A 665 -22.68 -2.02 -34.17
CA LYS A 665 -22.53 -3.22 -35.00
C LYS A 665 -22.46 -4.56 -34.22
N VAL A 666 -22.83 -5.67 -34.92
CA VAL A 666 -22.84 -7.07 -34.43
C VAL A 666 -21.43 -7.66 -34.62
N LYS A 674 -16.84 -22.82 -28.42
CA LYS A 674 -16.88 -23.70 -27.26
C LYS A 674 -15.60 -24.54 -27.15
N LYS A 675 -14.89 -24.45 -25.99
CA LYS A 675 -13.60 -25.11 -25.67
C LYS A 675 -13.56 -26.65 -25.83
N ASP A 676 -12.42 -27.19 -26.37
CA ASP A 676 -12.23 -28.62 -26.63
C ASP A 676 -11.18 -29.38 -25.72
N PRO A 677 -11.17 -30.76 -25.72
CA PRO A 677 -10.30 -31.52 -24.80
C PRO A 677 -8.79 -31.31 -24.74
N VAL A 678 -8.31 -30.92 -23.53
CA VAL A 678 -6.92 -30.65 -23.13
C VAL A 678 -6.23 -31.99 -22.82
N ASN A 679 -4.95 -32.20 -23.24
CA ASN A 679 -4.27 -33.46 -22.89
C ASN A 679 -3.77 -33.38 -21.45
N GLU A 680 -4.53 -34.04 -20.57
CA GLU A 680 -4.28 -33.99 -19.14
C GLU A 680 -3.02 -34.64 -18.65
N THR A 681 -2.41 -35.55 -19.45
CA THR A 681 -1.16 -36.25 -19.11
C THR A 681 -0.04 -35.25 -19.28
N LEU A 682 -0.19 -34.43 -20.30
CA LEU A 682 0.73 -33.36 -20.61
C LEU A 682 0.51 -32.16 -19.68
N TYR A 683 -0.75 -31.77 -19.41
CA TYR A 683 -1.08 -30.63 -18.56
C TYR A 683 -1.86 -31.08 -17.36
N PRO A 684 -1.24 -31.84 -16.43
CA PRO A 684 -1.97 -32.32 -15.24
C PRO A 684 -2.64 -31.29 -14.33
N GLU A 685 -2.12 -30.05 -14.31
CA GLU A 685 -2.61 -28.97 -13.47
C GLU A 685 -3.59 -27.95 -14.13
N HIS A 686 -3.85 -28.09 -15.44
CA HIS A 686 -4.76 -27.19 -16.14
C HIS A 686 -6.18 -27.23 -15.54
N TYR A 687 -6.64 -28.40 -14.98
CA TYR A 687 -7.97 -28.52 -14.34
C TYR A 687 -8.29 -27.38 -13.36
N ARG A 688 -7.25 -26.90 -12.65
CA ARG A 688 -7.34 -25.81 -11.68
C ARG A 688 -7.77 -24.46 -12.29
N LYS A 689 -7.50 -24.25 -13.60
CA LYS A 689 -7.78 -23.00 -14.34
C LYS A 689 -9.18 -22.49 -14.12
N TYR A 690 -10.12 -23.41 -13.97
CA TYR A 690 -11.51 -23.17 -13.60
C TYR A 690 -12.10 -24.52 -13.19
N SER A 691 -12.27 -24.80 -11.86
CA SER A 691 -11.91 -23.95 -10.72
C SER A 691 -11.57 -24.78 -9.51
N LEU A 699 -14.95 -6.31 -11.59
CA LEU A 699 -15.47 -5.76 -12.84
C LEU A 699 -14.49 -4.81 -13.59
N ASP A 700 -14.60 -4.80 -14.95
CA ASP A 700 -13.81 -4.02 -15.90
C ASP A 700 -14.21 -2.54 -16.04
N ALA A 701 -13.21 -1.73 -16.41
CA ALA A 701 -13.25 -0.29 -16.60
C ALA A 701 -14.39 0.22 -17.49
N PRO A 702 -15.10 1.30 -17.10
CA PRO A 702 -16.17 1.84 -17.97
C PRO A 702 -15.65 2.53 -19.23
N GLU A 703 -16.55 3.18 -19.97
CA GLU A 703 -16.12 3.89 -21.16
C GLU A 703 -15.86 5.30 -20.70
N PRO A 704 -14.85 6.02 -21.24
CA PRO A 704 -14.70 7.45 -20.88
C PRO A 704 -15.93 8.29 -21.33
N TYR A 705 -16.06 9.54 -20.82
CA TYR A 705 -17.18 10.44 -21.12
C TYR A 705 -17.48 10.61 -22.60
N ARG A 706 -18.77 10.71 -22.95
CA ARG A 706 -19.23 10.97 -24.32
C ARG A 706 -19.01 12.49 -24.55
N ILE A 707 -18.40 12.85 -25.68
CA ILE A 707 -18.18 14.27 -25.93
C ILE A 707 -19.12 14.87 -27.00
N GLY A 708 -19.63 16.07 -26.72
CA GLY A 708 -20.52 16.81 -27.60
C GLY A 708 -20.30 18.31 -27.55
N ARG A 709 -20.53 18.99 -28.69
CA ARG A 709 -20.41 20.45 -28.82
C ARG A 709 -21.80 21.08 -28.76
N ILE A 710 -21.92 22.21 -28.06
CA ILE A 710 -23.22 22.87 -27.89
C ILE A 710 -23.68 23.64 -29.15
N LYS A 711 -24.86 23.25 -29.68
CA LYS A 711 -25.53 23.85 -30.83
C LYS A 711 -26.72 24.72 -30.33
N GLU A 712 -27.58 24.12 -29.48
CA GLU A 712 -28.78 24.77 -28.92
C GLU A 712 -28.85 24.62 -27.40
N ILE A 713 -29.42 25.64 -26.73
CA ILE A 713 -29.74 25.62 -25.30
C ILE A 713 -31.23 26.01 -25.29
N HIS A 714 -32.09 25.05 -25.63
CA HIS A 714 -33.53 25.26 -25.80
C HIS A 714 -34.44 25.19 -24.57
N CYS A 715 -34.17 24.28 -23.62
CA CYS A 715 -34.89 24.08 -22.35
C CYS A 715 -36.46 23.94 -22.33
N GLY A 716 -37.05 24.42 -21.23
CA GLY A 716 -38.48 24.45 -20.95
C GLY A 716 -38.87 25.67 -20.14
N LYS A 717 -40.20 25.93 -20.02
CA LYS A 717 -40.75 27.09 -19.30
C LYS A 717 -41.74 26.70 -18.21
N LYS A 718 -41.67 27.38 -17.05
CA LYS A 718 -42.58 27.16 -15.91
C LYS A 718 -43.52 28.35 -15.76
N LYS A 719 -44.84 28.11 -15.91
CA LYS A 719 -45.87 29.15 -15.81
C LYS A 719 -45.46 30.43 -16.59
N GLY A 720 -44.89 31.42 -15.89
CA GLY A 720 -44.44 32.68 -16.47
C GLY A 720 -43.05 32.63 -17.06
N LYS A 721 -42.03 32.33 -16.23
CA LYS A 721 -40.62 32.27 -16.62
C LYS A 721 -40.02 30.87 -16.75
N VAL A 722 -38.81 30.81 -17.37
CA VAL A 722 -37.96 29.63 -17.67
C VAL A 722 -37.80 28.61 -16.55
N ASN A 723 -38.10 27.32 -16.86
CA ASN A 723 -37.94 26.21 -15.91
C ASN A 723 -36.49 25.73 -15.97
N GLU A 724 -35.77 25.91 -14.87
CA GLU A 724 -34.37 25.50 -14.75
C GLU A 724 -34.26 23.98 -14.66
N ALA A 725 -35.33 23.33 -14.15
CA ALA A 725 -35.45 21.88 -14.05
C ALA A 725 -35.54 21.22 -15.44
N ASP A 726 -35.69 22.03 -16.49
CA ASP A 726 -35.86 21.53 -17.85
C ASP A 726 -34.78 21.94 -18.85
N ILE A 727 -33.60 22.45 -18.40
CA ILE A 727 -32.53 22.84 -19.35
C ILE A 727 -32.06 21.65 -20.18
N LYS A 728 -32.25 21.75 -21.51
CA LYS A 728 -31.87 20.74 -22.48
C LYS A 728 -30.81 21.28 -23.46
N LEU A 729 -30.02 20.37 -24.05
CA LEU A 729 -28.96 20.72 -24.98
C LEU A 729 -29.02 19.86 -26.23
N ARG A 730 -28.75 20.48 -27.39
CA ARG A 730 -28.68 19.80 -28.68
C ARG A 730 -27.20 19.84 -29.04
N LEU A 731 -26.58 18.65 -29.13
CA LEU A 731 -25.14 18.55 -29.36
C LEU A 731 -24.76 17.82 -30.61
N TYR A 732 -23.59 18.22 -31.20
CA TYR A 732 -22.97 17.54 -32.31
C TYR A 732 -22.10 16.48 -31.65
N LYS A 733 -22.39 15.18 -31.91
CA LYS A 733 -21.67 14.04 -31.34
C LYS A 733 -20.23 13.97 -31.85
N PHE A 734 -19.27 13.73 -30.94
CA PHE A 734 -17.86 13.55 -31.29
C PHE A 734 -17.50 12.09 -31.12
N TYR A 735 -16.91 11.49 -32.15
CA TYR A 735 -16.46 10.10 -32.11
C TYR A 735 -15.06 10.06 -31.53
N ARG A 736 -14.77 9.00 -30.81
CA ARG A 736 -13.44 8.76 -30.30
C ARG A 736 -12.91 7.68 -31.27
N PRO A 737 -11.58 7.56 -31.53
CA PRO A 737 -11.10 6.48 -32.43
C PRO A 737 -11.66 5.05 -32.13
N GLU A 738 -11.83 4.73 -30.81
CA GLU A 738 -12.40 3.48 -30.29
C GLU A 738 -13.86 3.34 -30.72
N ASN A 739 -14.58 4.48 -30.87
CA ASN A 739 -16.00 4.56 -31.23
C ASN A 739 -16.26 4.38 -32.72
N THR A 740 -15.19 4.48 -33.51
CA THR A 740 -15.16 4.32 -34.95
C THR A 740 -15.19 2.81 -35.28
N HIS A 741 -15.30 2.46 -36.59
CA HIS A 741 -15.26 1.09 -37.09
C HIS A 741 -13.95 0.43 -36.68
N ARG A 742 -12.93 1.28 -36.44
CA ARG A 742 -11.58 0.98 -35.95
C ARG A 742 -11.64 0.24 -34.61
N SER A 743 -12.47 0.73 -33.69
CA SER A 743 -12.63 0.23 -32.34
C SER A 743 -11.28 0.13 -31.61
N TYR A 744 -10.93 -1.02 -31.00
CA TYR A 744 -9.67 -1.22 -30.27
C TYR A 744 -8.38 -0.82 -31.00
N ASN A 745 -8.34 -0.90 -32.36
CA ASN A 745 -7.16 -0.50 -33.16
C ASN A 745 -7.03 1.01 -33.25
N GLY A 746 -8.15 1.70 -33.09
CA GLY A 746 -8.18 3.14 -33.00
C GLY A 746 -7.49 3.49 -31.69
N SER A 747 -7.91 2.81 -30.62
CA SER A 747 -7.35 2.96 -29.28
C SER A 747 -5.90 2.48 -29.12
N TYR A 748 -5.04 2.45 -30.18
CA TYR A 748 -3.67 2.01 -29.94
C TYR A 748 -2.63 3.13 -30.06
N HIS A 749 -2.19 3.38 -31.30
CA HIS A 749 -1.15 4.36 -31.57
C HIS A 749 -1.66 5.78 -31.51
N THR A 750 -2.99 5.96 -31.48
CA THR A 750 -3.60 7.28 -31.44
C THR A 750 -3.34 8.06 -30.14
N ASP A 751 -3.51 9.40 -30.19
CA ASP A 751 -3.38 10.26 -29.04
C ASP A 751 -4.55 10.01 -28.15
N ILE A 752 -4.32 10.05 -26.83
CA ILE A 752 -5.34 9.81 -25.83
C ILE A 752 -6.48 10.85 -25.88
N ASN A 753 -6.19 12.07 -26.42
CA ASN A 753 -7.12 13.20 -26.54
C ASN A 753 -7.55 13.57 -27.97
N MET A 754 -7.45 12.61 -28.93
CA MET A 754 -7.88 12.89 -30.31
C MET A 754 -9.30 12.47 -30.56
N LEU A 755 -10.05 13.35 -31.22
CA LEU A 755 -11.45 13.09 -31.56
C LEU A 755 -11.69 13.15 -33.05
N TYR A 756 -12.92 12.82 -33.40
CA TYR A 756 -13.42 12.84 -34.74
C TYR A 756 -14.72 13.64 -34.71
N TRP A 757 -14.79 14.71 -35.51
CA TRP A 757 -16.01 15.50 -35.61
C TRP A 757 -17.07 14.66 -36.32
N SER A 758 -18.34 14.85 -35.96
CA SER A 758 -19.48 14.19 -36.61
C SER A 758 -20.62 15.17 -36.75
N ASP A 759 -21.34 15.06 -37.90
CA ASP A 759 -22.51 15.87 -38.24
C ASP A 759 -23.76 15.36 -37.50
N GLU A 760 -23.61 14.22 -36.77
CA GLU A 760 -24.58 13.53 -35.91
C GLU A 760 -25.05 14.49 -34.82
N GLU A 761 -26.29 14.31 -34.33
CA GLU A 761 -26.81 15.19 -33.29
C GLU A 761 -27.55 14.45 -32.18
N ALA A 762 -27.53 15.00 -30.96
CA ALA A 762 -28.19 14.41 -29.80
C ALA A 762 -28.74 15.47 -28.87
N VAL A 763 -29.84 15.14 -28.15
CA VAL A 763 -30.50 16.01 -27.18
C VAL A 763 -30.34 15.43 -25.78
N VAL A 764 -29.75 16.21 -24.87
CA VAL A 764 -29.54 15.80 -23.48
C VAL A 764 -29.74 16.91 -22.48
N ASN A 765 -30.30 16.54 -21.31
CA ASN A 765 -30.58 17.44 -20.20
C ASN A 765 -29.28 18.02 -19.67
N PHE A 766 -29.33 19.25 -19.15
CA PHE A 766 -28.17 19.93 -18.56
C PHE A 766 -27.77 19.27 -17.21
N SER A 767 -28.59 18.31 -16.72
CA SER A 767 -28.26 17.56 -15.51
C SER A 767 -27.15 16.57 -15.88
N ASP A 768 -27.38 15.75 -16.92
CA ASP A 768 -26.43 14.74 -17.42
C ASP A 768 -25.02 15.26 -17.66
N VAL A 769 -24.87 16.59 -17.89
CA VAL A 769 -23.56 17.22 -18.09
C VAL A 769 -22.68 17.04 -16.86
N GLN A 770 -21.45 16.53 -17.08
CA GLN A 770 -20.47 16.27 -16.02
C GLN A 770 -19.57 17.48 -15.83
N GLY A 771 -19.10 18.02 -16.94
CA GLY A 771 -18.23 19.18 -16.94
C GLY A 771 -18.13 19.80 -18.31
N ARG A 772 -17.16 20.67 -18.47
CA ARG A 772 -16.93 21.36 -19.73
C ARG A 772 -15.51 21.03 -20.16
N CYS A 773 -15.29 20.92 -21.47
CA CYS A 773 -13.97 20.66 -22.03
C CYS A 773 -13.69 21.56 -23.24
N THR A 774 -12.52 21.39 -23.88
CA THR A 774 -12.11 22.16 -25.04
C THR A 774 -11.86 21.25 -26.23
N VAL A 775 -12.78 21.26 -27.18
CA VAL A 775 -12.63 20.53 -28.42
C VAL A 775 -12.38 21.56 -29.52
N GLU A 776 -11.14 21.57 -30.03
CA GLU A 776 -10.65 22.51 -31.01
C GLU A 776 -10.21 21.80 -32.28
N TYR A 777 -10.24 22.51 -33.42
CA TYR A 777 -9.77 22.00 -34.70
C TYR A 777 -8.28 22.34 -34.74
N GLY A 778 -7.46 21.32 -34.89
CA GLY A 778 -6.01 21.46 -34.87
C GLY A 778 -5.44 22.23 -36.05
N GLU A 779 -6.08 22.11 -37.23
CA GLU A 779 -5.57 22.79 -38.42
C GLU A 779 -5.56 24.31 -38.33
N ASP A 780 -6.41 24.87 -37.44
CA ASP A 780 -6.45 26.30 -37.14
C ASP A 780 -5.83 26.54 -35.73
N LEU A 781 -4.60 26.06 -35.51
CA LEU A 781 -3.97 26.20 -34.20
C LEU A 781 -2.71 27.06 -34.05
N LEU A 782 -2.74 27.89 -32.99
CA LEU A 782 -1.72 28.85 -32.51
C LEU A 782 -0.33 28.20 -32.29
N GLU A 783 -0.32 27.07 -31.54
CA GLU A 783 0.85 26.25 -31.14
C GLU A 783 0.69 24.83 -31.71
N SER A 784 1.68 23.94 -31.48
CA SER A 784 1.59 22.53 -31.91
C SER A 784 0.51 21.79 -31.09
N ILE A 785 -0.03 20.69 -31.67
CA ILE A 785 -1.06 19.85 -31.03
C ILE A 785 -0.58 19.46 -29.63
N GLN A 786 0.71 19.03 -29.52
CA GLN A 786 1.38 18.69 -28.27
C GLN A 786 1.31 19.87 -27.30
N ASP A 787 1.76 21.07 -27.76
CA ASP A 787 1.79 22.29 -26.96
C ASP A 787 0.42 22.66 -26.47
N TYR A 788 -0.61 22.58 -27.34
CA TYR A 788 -2.00 22.87 -26.95
C TYR A 788 -2.51 21.84 -25.96
N SER A 789 -2.18 20.56 -26.20
CA SER A 789 -2.61 19.46 -25.36
C SER A 789 -1.99 19.54 -23.97
N GLN A 790 -0.69 19.86 -23.91
CA GLN A 790 0.05 19.99 -22.66
C GLN A 790 -0.15 21.36 -21.95
N GLY A 791 -0.98 22.22 -22.54
CA GLY A 791 -1.27 23.57 -22.05
C GLY A 791 -2.18 23.70 -20.84
N GLY A 792 -3.22 22.87 -20.75
CA GLY A 792 -4.17 22.90 -19.64
C GLY A 792 -5.15 21.76 -19.58
N PRO A 793 -6.03 21.73 -18.55
CA PRO A 793 -7.01 20.62 -18.42
C PRO A 793 -8.06 20.55 -19.50
N ASP A 794 -8.69 19.35 -19.61
CA ASP A 794 -9.82 18.98 -20.49
C ASP A 794 -9.68 19.45 -21.95
N ARG A 795 -8.45 19.39 -22.49
CA ARG A 795 -8.15 19.83 -23.86
C ARG A 795 -8.01 18.67 -24.86
N PHE A 796 -8.98 18.59 -25.79
CA PHE A 796 -9.08 17.59 -26.86
C PHE A 796 -8.95 18.27 -28.24
N TYR A 797 -8.86 17.47 -29.32
CA TYR A 797 -8.73 18.00 -30.68
C TYR A 797 -9.25 16.99 -31.70
N PHE A 798 -9.58 17.48 -32.91
CA PHE A 798 -10.05 16.71 -34.06
C PHE A 798 -9.43 17.29 -35.34
N LEU A 799 -9.04 16.45 -36.28
CA LEU A 799 -8.46 16.96 -37.54
C LEU A 799 -9.30 16.61 -38.77
N GLU A 800 -10.10 15.55 -38.64
CA GLU A 800 -10.93 15.02 -39.70
C GLU A 800 -12.33 14.83 -39.14
N ALA A 801 -13.26 14.43 -40.00
CA ALA A 801 -14.61 14.14 -39.56
C ALA A 801 -14.98 12.74 -39.99
N TYR A 802 -15.62 12.02 -39.09
CA TYR A 802 -16.06 10.66 -39.34
C TYR A 802 -17.45 10.62 -40.00
N ASN A 803 -17.48 10.15 -41.26
CA ASN A 803 -18.72 9.92 -41.99
C ASN A 803 -19.13 8.52 -41.54
N SER A 804 -20.07 8.50 -40.58
CA SER A 804 -20.61 7.31 -39.90
C SER A 804 -21.22 6.31 -40.88
N LYS A 805 -21.85 6.86 -41.95
CA LYS A 805 -22.53 6.16 -43.04
C LYS A 805 -21.54 5.50 -43.99
N THR A 806 -20.74 6.32 -44.71
CA THR A 806 -19.75 5.83 -45.67
C THR A 806 -18.56 5.14 -44.99
N LYS A 807 -18.35 5.38 -43.67
CA LYS A 807 -17.24 4.88 -42.86
C LYS A 807 -15.91 5.44 -43.40
N ASN A 808 -15.92 6.76 -43.73
CA ASN A 808 -14.78 7.48 -44.30
C ASN A 808 -14.44 8.80 -43.59
N PHE A 809 -13.25 9.36 -43.92
CA PHE A 809 -12.74 10.56 -43.27
C PHE A 809 -12.62 11.85 -44.13
N GLU A 810 -13.74 12.60 -44.22
CA GLU A 810 -13.78 13.89 -44.93
C GLU A 810 -13.10 14.91 -43.99
N ASP A 811 -12.82 16.12 -44.50
CA ASP A 811 -12.30 17.21 -43.69
C ASP A 811 -13.53 17.75 -42.92
N PRO A 812 -13.38 18.46 -41.78
CA PRO A 812 -14.60 18.88 -41.06
C PRO A 812 -15.33 20.07 -41.70
N PRO A 813 -16.67 20.18 -41.50
CA PRO A 813 -17.40 21.35 -42.05
C PRO A 813 -16.94 22.66 -41.41
N ASN A 814 -17.11 23.78 -42.13
CA ASN A 814 -16.67 25.10 -41.66
C ASN A 814 -17.35 25.66 -40.40
N HIS A 815 -18.49 25.09 -39.98
CA HIS A 815 -19.17 25.50 -38.75
C HIS A 815 -18.51 24.85 -37.52
N ALA A 816 -17.73 23.77 -37.76
CA ALA A 816 -16.95 23.04 -36.76
C ALA A 816 -15.59 23.75 -36.51
N ARG A 817 -15.33 24.86 -37.26
CA ARG A 817 -14.10 25.67 -37.15
C ARG A 817 -14.28 26.88 -36.21
N SER A 818 -13.13 27.37 -35.67
CA SER A 818 -13.00 28.49 -34.72
C SER A 818 -13.52 29.83 -35.28
N LYS A 848 3.32 34.91 -12.56
CA LYS A 848 3.87 33.55 -12.67
C LYS A 848 3.36 32.61 -11.55
N LEU A 849 3.74 31.31 -11.62
CA LEU A 849 3.35 30.30 -10.61
C LEU A 849 4.50 30.16 -9.60
N PRO A 850 4.28 30.61 -8.33
CA PRO A 850 5.35 30.51 -7.33
C PRO A 850 5.74 29.07 -6.96
N LYS A 851 6.91 28.62 -7.44
CA LYS A 851 7.47 27.30 -7.16
C LYS A 851 7.96 27.27 -5.71
N LEU A 852 7.29 26.47 -4.83
CA LEU A 852 7.64 26.36 -3.41
C LEU A 852 9.00 25.68 -3.16
N ARG A 853 9.75 26.18 -2.16
CA ARG A 853 11.04 25.66 -1.73
C ARG A 853 10.72 24.41 -0.89
N THR A 854 10.90 23.22 -1.50
CA THR A 854 10.50 21.92 -0.96
C THR A 854 11.61 21.13 -0.32
N LEU A 855 11.27 20.39 0.76
CA LEU A 855 12.09 19.42 1.49
C LEU A 855 11.41 18.03 1.40
N ASP A 856 11.91 17.13 0.50
CA ASP A 856 11.33 15.78 0.34
C ASP A 856 12.03 14.82 1.28
N VAL A 857 11.45 14.57 2.45
CA VAL A 857 11.99 13.63 3.45
C VAL A 857 11.67 12.21 2.93
N PHE A 858 12.58 11.22 3.08
CA PHE A 858 12.45 9.83 2.57
C PHE A 858 12.24 9.98 1.06
N SER A 859 13.17 10.70 0.44
CA SER A 859 13.10 11.11 -0.95
C SER A 859 13.15 10.04 -1.99
N GLY A 860 13.81 8.93 -1.69
CA GLY A 860 14.02 7.84 -2.64
C GLY A 860 14.75 8.30 -3.87
N CYS A 861 14.34 7.81 -5.06
CA CYS A 861 14.96 8.20 -6.33
C CYS A 861 14.28 9.47 -6.86
N GLY A 862 13.31 9.96 -6.10
CA GLY A 862 12.59 11.21 -6.32
C GLY A 862 11.36 11.23 -7.22
N GLY A 863 10.54 10.19 -7.16
CA GLY A 863 9.31 10.09 -7.95
C GLY A 863 8.26 11.11 -7.56
N LEU A 864 8.11 11.36 -6.23
CA LEU A 864 7.12 12.34 -5.68
C LEU A 864 7.52 13.73 -6.05
N SER A 865 8.82 14.08 -5.85
CA SER A 865 9.37 15.39 -6.21
C SER A 865 9.19 15.61 -7.70
N GLU A 866 9.33 14.53 -8.51
CA GLU A 866 9.20 14.55 -9.96
C GLU A 866 7.87 15.06 -10.40
N GLY A 867 6.78 14.47 -9.89
CA GLY A 867 5.42 14.89 -10.22
C GLY A 867 5.15 16.31 -9.77
N PHE A 868 5.75 16.71 -8.65
CA PHE A 868 5.64 18.06 -8.13
C PHE A 868 6.41 19.02 -9.02
N HIS A 869 7.59 18.63 -9.54
CA HIS A 869 8.36 19.48 -10.47
C HIS A 869 7.58 19.56 -11.77
N GLN A 870 6.93 18.44 -12.16
CA GLN A 870 6.09 18.34 -13.35
C GLN A 870 4.92 19.32 -13.25
N ALA A 871 4.42 19.56 -12.02
CA ALA A 871 3.31 20.47 -11.75
C ALA A 871 3.66 21.97 -11.87
N GLY A 872 4.96 22.29 -11.82
CA GLY A 872 5.51 23.64 -11.87
C GLY A 872 5.22 24.46 -10.61
N ILE A 873 4.89 23.74 -9.52
CA ILE A 873 4.48 24.29 -8.23
C ILE A 873 5.57 24.14 -7.21
N SER A 874 6.69 23.48 -7.57
CA SER A 874 7.81 23.31 -6.63
C SER A 874 9.18 23.33 -7.27
N GLU A 875 10.18 23.16 -6.38
CA GLU A 875 11.61 23.04 -6.60
C GLU A 875 12.13 22.46 -5.28
N THR A 876 12.73 21.26 -5.36
CA THR A 876 13.30 20.58 -4.20
C THR A 876 14.70 21.14 -4.00
N LEU A 877 14.93 21.68 -2.80
CA LEU A 877 16.22 22.24 -2.46
C LEU A 877 16.96 21.38 -1.47
N TRP A 878 16.23 20.52 -0.71
CA TRP A 878 16.81 19.58 0.27
C TRP A 878 16.00 18.30 0.25
N ALA A 879 16.68 17.16 0.08
CA ALA A 879 16.07 15.82 0.06
C ALA A 879 16.78 14.95 1.05
N ILE A 880 16.06 14.25 1.90
CA ILE A 880 16.70 13.37 2.88
C ILE A 880 16.49 11.87 2.56
N GLU A 881 17.61 11.15 2.26
CA GLU A 881 17.63 9.73 1.93
C GLU A 881 18.66 8.97 2.74
N MET A 882 18.22 7.98 3.54
CA MET A 882 19.12 7.19 4.37
C MET A 882 19.93 6.20 3.54
N TRP A 883 19.30 5.55 2.53
CA TRP A 883 19.89 4.55 1.62
C TRP A 883 20.68 5.17 0.46
N ASP A 884 22.02 4.91 0.42
CA ASP A 884 22.91 5.46 -0.60
C ASP A 884 22.45 5.35 -2.09
N PRO A 885 22.11 4.14 -2.63
CA PRO A 885 21.67 4.05 -4.04
C PRO A 885 20.55 4.99 -4.46
N ALA A 886 19.58 5.26 -3.54
CA ALA A 886 18.44 6.11 -3.82
C ALA A 886 18.91 7.55 -3.90
N ALA A 887 19.49 8.08 -2.81
CA ALA A 887 19.99 9.46 -2.77
C ALA A 887 20.84 9.81 -4.01
N GLN A 888 21.67 8.85 -4.44
CA GLN A 888 22.50 8.92 -5.63
C GLN A 888 21.62 9.14 -6.88
N ALA A 889 20.61 8.27 -7.07
CA ALA A 889 19.65 8.37 -8.16
C ALA A 889 18.89 9.74 -8.14
N PHE A 890 18.58 10.29 -6.93
CA PHE A 890 17.89 11.57 -6.77
C PHE A 890 18.65 12.67 -7.48
N ARG A 891 19.93 12.88 -7.07
CA ARG A 891 20.91 13.86 -7.57
C ARG A 891 21.04 13.87 -9.10
N LEU A 892 21.06 12.67 -9.72
CA LEU A 892 21.20 12.51 -11.17
C LEU A 892 20.06 13.19 -11.94
N ASN A 893 18.88 13.27 -11.30
CA ASN A 893 17.64 13.85 -11.85
C ASN A 893 17.40 15.25 -11.28
N ASN A 894 17.91 15.50 -10.08
CA ASN A 894 17.81 16.81 -9.43
C ASN A 894 19.18 17.34 -9.01
N PRO A 895 19.83 18.05 -9.97
CA PRO A 895 21.20 18.53 -9.72
C PRO A 895 21.33 19.71 -8.77
N GLY A 896 20.24 20.47 -8.60
CA GLY A 896 20.24 21.63 -7.73
C GLY A 896 19.84 21.33 -6.30
N THR A 897 19.67 20.05 -5.96
CA THR A 897 19.22 19.66 -4.62
C THR A 897 20.34 19.23 -3.68
N THR A 898 20.27 19.71 -2.43
CA THR A 898 21.18 19.33 -1.36
C THR A 898 20.65 17.98 -0.82
N VAL A 899 21.19 16.87 -1.35
CA VAL A 899 20.73 15.56 -0.93
C VAL A 899 21.50 15.11 0.29
N PHE A 900 20.82 15.09 1.43
CA PHE A 900 21.39 14.62 2.68
C PHE A 900 21.26 13.10 2.77
N THR A 901 22.40 12.36 2.70
CA THR A 901 22.38 10.89 2.75
C THR A 901 22.36 10.32 4.18
N GLU A 902 21.50 10.92 5.07
CA GLU A 902 21.35 10.57 6.49
C GLU A 902 19.97 10.03 6.92
N ASP A 903 19.88 9.74 8.22
CA ASP A 903 18.67 9.37 8.93
C ASP A 903 18.08 10.73 9.30
N CYS A 904 16.87 11.02 8.81
CA CYS A 904 16.20 12.31 9.06
C CYS A 904 16.24 12.71 10.53
N ASN A 905 16.34 11.74 11.44
CA ASN A 905 16.43 11.94 12.88
C ASN A 905 17.70 12.66 13.32
N VAL A 906 18.86 12.33 12.70
CA VAL A 906 20.10 13.03 13.04
C VAL A 906 20.03 14.43 12.44
N LEU A 907 19.60 14.50 11.17
CA LEU A 907 19.44 15.71 10.37
C LEU A 907 18.57 16.74 11.07
N LEU A 908 17.56 16.28 11.81
CA LEU A 908 16.62 17.16 12.51
C LEU A 908 17.23 17.64 13.78
N LYS A 909 17.93 16.72 14.52
CA LYS A 909 18.58 17.02 15.79
C LYS A 909 19.62 18.11 15.63
N LEU A 910 20.35 18.10 14.49
CA LEU A 910 21.38 19.09 14.16
C LEU A 910 20.80 20.51 14.01
N VAL A 911 19.69 20.66 13.28
CA VAL A 911 19.04 21.97 13.10
C VAL A 911 18.54 22.42 14.48
N MET A 912 17.92 21.47 15.24
CA MET A 912 17.39 21.67 16.59
C MET A 912 18.49 22.00 17.58
N ALA A 913 19.73 21.59 17.26
CA ALA A 913 20.90 21.89 18.08
C ALA A 913 21.46 23.27 17.69
N GLY A 914 21.07 23.77 16.51
CA GLY A 914 21.49 25.08 16.00
C GLY A 914 22.58 25.09 14.96
N GLU A 915 22.86 23.93 14.34
CA GLU A 915 23.90 23.77 13.32
C GLU A 915 23.61 24.53 12.03
N VAL A 916 24.66 24.92 11.32
CA VAL A 916 24.54 25.64 10.04
C VAL A 916 24.78 24.63 8.91
N THR A 917 25.74 23.71 9.12
CA THR A 917 26.14 22.72 8.14
C THR A 917 26.37 21.33 8.77
N ASN A 918 26.22 20.27 7.96
CA ASN A 918 26.47 18.87 8.40
C ASN A 918 27.96 18.56 8.25
N SER A 919 28.39 17.37 8.74
CA SER A 919 29.78 16.88 8.64
C SER A 919 30.39 17.14 7.26
N LEU A 920 29.65 16.74 6.21
CA LEU A 920 30.00 16.81 4.79
C LEU A 920 30.02 18.22 4.22
N GLY A 921 29.70 19.19 5.08
CA GLY A 921 29.68 20.59 4.73
C GLY A 921 28.64 20.94 3.70
N GLN A 922 27.37 20.63 4.00
CA GLN A 922 26.21 20.94 3.15
C GLN A 922 25.27 21.78 4.00
N ARG A 923 24.79 22.92 3.47
CA ARG A 923 23.87 23.84 4.16
C ARG A 923 22.56 23.14 4.60
N LEU A 924 22.35 23.04 5.93
CA LEU A 924 21.16 22.41 6.50
C LEU A 924 19.94 23.33 6.30
N PRO A 925 18.73 22.83 5.98
CA PRO A 925 17.60 23.76 5.80
C PRO A 925 17.23 24.37 7.14
N GLN A 926 16.95 25.71 7.16
CA GLN A 926 16.62 26.43 8.39
C GLN A 926 15.17 26.96 8.34
N LYS A 927 14.52 27.20 9.52
CA LYS A 927 13.13 27.72 9.61
C LYS A 927 12.94 28.85 8.62
N GLY A 928 11.84 28.81 7.88
CA GLY A 928 11.52 29.80 6.87
C GLY A 928 12.05 29.47 5.49
N ASP A 929 13.11 28.59 5.43
CA ASP A 929 13.73 28.13 4.17
C ASP A 929 12.78 27.18 3.46
N VAL A 930 12.06 26.32 4.21
CA VAL A 930 11.13 25.32 3.68
C VAL A 930 9.71 25.87 3.57
N GLU A 931 9.24 26.01 2.32
CA GLU A 931 7.89 26.46 1.99
C GLU A 931 6.94 25.23 1.95
N MET A 932 7.46 24.03 1.58
CA MET A 932 6.68 22.79 1.47
C MET A 932 7.41 21.54 1.96
N LEU A 933 6.73 20.72 2.77
CA LEU A 933 7.25 19.45 3.32
C LEU A 933 6.54 18.29 2.67
N CYS A 934 7.28 17.31 2.13
CA CYS A 934 6.63 16.11 1.56
C CYS A 934 7.47 14.86 1.78
N GLY A 935 6.81 13.72 1.95
CA GLY A 935 7.52 12.47 2.16
C GLY A 935 6.66 11.25 2.41
N GLY A 936 7.29 10.08 2.26
CA GLY A 936 6.66 8.78 2.48
C GLY A 936 7.27 8.07 3.67
N PRO A 937 6.92 8.44 4.91
CA PRO A 937 7.57 7.75 6.05
C PRO A 937 7.23 6.27 6.06
N PRO A 938 8.21 5.34 5.95
CA PRO A 938 7.86 3.91 5.97
C PRO A 938 7.34 3.49 7.33
N CYS A 939 6.18 2.81 7.34
CA CYS A 939 5.55 2.34 8.57
C CYS A 939 5.89 0.88 8.69
N GLN A 940 6.73 0.47 9.67
CA GLN A 940 7.08 -0.94 9.72
C GLN A 940 6.91 -1.68 11.03
N GLY A 941 7.23 -1.01 12.13
CA GLY A 941 7.16 -1.62 13.44
C GLY A 941 5.78 -1.80 14.05
N PHE A 942 4.74 -1.24 13.40
CA PHE A 942 3.39 -1.19 13.94
C PHE A 942 2.33 -1.39 12.86
N SER A 943 2.76 -1.48 11.59
CA SER A 943 1.89 -1.62 10.44
C SER A 943 0.92 -2.85 10.41
N GLY A 944 -0.02 -2.83 11.36
CA GLY A 944 -1.05 -3.83 11.54
C GLY A 944 -2.41 -3.18 11.66
N MET A 945 -3.46 -3.97 11.93
CA MET A 945 -4.81 -3.45 11.99
C MET A 945 -5.48 -3.52 13.35
N ASN A 946 -5.13 -4.51 14.15
CA ASN A 946 -5.68 -4.74 15.50
C ASN A 946 -5.46 -3.56 16.45
N ARG A 947 -6.16 -3.56 17.61
CA ARG A 947 -6.06 -2.56 18.68
C ARG A 947 -4.58 -2.32 19.02
N PHE A 948 -4.22 -1.08 19.39
CA PHE A 948 -2.85 -0.75 19.80
C PHE A 948 -2.50 -1.56 21.05
N ASN A 949 -1.23 -1.56 21.43
CA ASN A 949 -0.76 -2.26 22.63
C ASN A 949 0.55 -1.65 23.10
N SER A 950 1.01 -2.03 24.30
CA SER A 950 2.27 -1.54 24.90
C SER A 950 3.44 -1.64 23.89
N ARG A 951 3.52 -2.78 23.15
CA ARG A 951 4.50 -3.01 22.09
C ARG A 951 4.17 -2.14 20.88
N THR A 952 2.99 -2.32 20.26
CA THR A 952 2.61 -1.54 19.09
C THR A 952 2.71 -0.04 19.26
N TYR A 953 2.28 0.52 20.41
CA TYR A 953 2.37 1.95 20.66
C TYR A 953 3.79 2.46 20.72
N SER A 954 4.65 1.81 21.51
CA SER A 954 6.07 2.19 21.63
C SER A 954 6.74 2.31 20.26
N LYS A 955 6.44 1.36 19.33
CA LYS A 955 6.92 1.31 17.95
C LYS A 955 6.43 2.52 17.15
N PHE A 956 5.12 2.89 17.28
CA PHE A 956 4.54 4.05 16.60
C PHE A 956 4.95 5.36 17.27
N LYS A 957 5.11 5.35 18.60
CA LYS A 957 5.51 6.52 19.39
C LYS A 957 6.77 7.13 18.80
N ASN A 958 7.74 6.27 18.37
CA ASN A 958 9.04 6.64 17.82
C ASN A 958 9.18 6.43 16.31
N SER A 959 8.07 6.05 15.63
CA SER A 959 7.99 5.81 14.19
C SER A 959 8.47 6.98 13.34
N LEU A 960 8.73 6.72 12.05
CA LEU A 960 9.19 7.75 11.12
C LEU A 960 8.07 8.75 10.77
N VAL A 961 6.83 8.42 11.21
CA VAL A 961 5.62 9.24 11.10
C VAL A 961 5.79 10.41 12.10
N VAL A 962 6.23 10.09 13.34
CA VAL A 962 6.44 11.03 14.45
C VAL A 962 7.66 11.93 14.20
N SER A 963 8.71 11.39 13.55
CA SER A 963 9.91 12.15 13.15
C SER A 963 9.47 13.13 12.08
N PHE A 964 8.55 12.67 11.18
CA PHE A 964 8.01 13.48 10.08
C PHE A 964 7.12 14.59 10.56
N LEU A 965 6.27 14.34 11.58
CA LEU A 965 5.40 15.38 12.12
C LEU A 965 6.20 16.44 12.89
N SER A 966 7.35 16.03 13.50
CA SER A 966 8.27 16.93 14.21
C SER A 966 8.87 17.91 13.21
N TYR A 967 9.24 17.39 12.02
CA TYR A 967 9.78 18.22 10.95
C TYR A 967 8.79 19.33 10.66
N CYS A 968 7.48 18.95 10.46
CA CYS A 968 6.34 19.84 10.18
C CYS A 968 6.21 20.89 11.30
N ASP A 969 6.18 20.43 12.58
CA ASP A 969 6.07 21.33 13.73
C ASP A 969 7.19 22.35 13.74
N TYR A 970 8.47 21.91 13.67
CA TYR A 970 9.64 22.80 13.65
C TYR A 970 9.58 23.80 12.49
N TYR A 971 9.71 23.31 11.25
CA TYR A 971 9.75 24.09 10.03
C TYR A 971 8.53 24.91 9.69
N ARG A 972 7.31 24.42 10.06
CA ARG A 972 6.00 25.04 9.76
C ARG A 972 5.87 25.43 8.27
N PRO A 973 5.99 24.48 7.30
CA PRO A 973 5.82 24.85 5.89
C PRO A 973 4.38 25.26 5.53
N ARG A 974 4.25 26.09 4.49
CA ARG A 974 2.96 26.54 3.96
C ARG A 974 2.12 25.30 3.57
N PHE A 975 2.78 24.27 2.99
CA PHE A 975 2.12 23.04 2.57
C PHE A 975 2.76 21.74 3.04
N PHE A 976 1.95 20.73 3.39
CA PHE A 976 2.45 19.45 3.87
C PHE A 976 1.80 18.23 3.20
N LEU A 977 2.58 17.17 3.02
CA LEU A 977 2.08 15.95 2.40
C LEU A 977 2.75 14.74 2.98
N LEU A 978 1.96 13.75 3.34
CA LEU A 978 2.43 12.49 3.86
C LEU A 978 1.76 11.46 3.00
N GLU A 979 2.54 10.82 2.15
CA GLU A 979 2.06 9.79 1.25
C GLU A 979 2.33 8.44 1.89
N ASN A 980 1.35 7.56 1.89
CA ASN A 980 1.60 6.23 2.40
C ASN A 980 0.82 5.11 1.71
N VAL A 981 0.99 3.91 2.25
CA VAL A 981 0.30 2.70 1.87
C VAL A 981 -1.17 2.95 2.22
N ARG A 982 -2.11 2.61 1.30
CA ARG A 982 -3.52 2.86 1.58
C ARG A 982 -4.01 2.44 2.95
N ASN A 983 -3.50 1.31 3.48
CA ASN A 983 -3.88 0.81 4.80
C ASN A 983 -3.47 1.71 5.98
N PHE A 984 -2.63 2.74 5.74
CA PHE A 984 -2.20 3.71 6.75
C PHE A 984 -3.47 4.27 7.42
N VAL A 985 -4.44 4.56 6.57
CA VAL A 985 -5.73 5.10 6.90
C VAL A 985 -6.53 4.16 7.82
N SER A 986 -6.23 2.85 7.79
CA SER A 986 -6.91 1.82 8.57
C SER A 986 -6.08 1.22 9.74
N TYR A 987 -4.74 1.38 9.67
CA TYR A 987 -3.73 0.90 10.65
C TYR A 987 -4.09 1.15 12.05
N ARG A 988 -3.96 0.13 12.89
CA ARG A 988 -4.18 0.22 14.33
C ARG A 988 -5.52 0.84 14.67
N ARG A 989 -6.63 0.18 14.28
CA ARG A 989 -8.02 0.63 14.50
C ARG A 989 -8.17 2.14 14.18
N SER A 990 -7.53 2.52 13.06
CA SER A 990 -7.43 3.86 12.47
C SER A 990 -6.71 4.91 13.37
N MET A 991 -6.12 4.47 14.51
CA MET A 991 -5.41 5.30 15.49
C MET A 991 -4.18 6.08 14.99
N VAL A 992 -3.43 5.47 14.06
CA VAL A 992 -2.28 6.06 13.36
C VAL A 992 -2.75 7.37 12.66
N LEU A 993 -3.86 7.29 11.89
CA LEU A 993 -4.44 8.44 11.18
C LEU A 993 -5.04 9.47 12.13
N LYS A 994 -5.76 9.00 13.17
CA LYS A 994 -6.38 9.88 14.16
C LYS A 994 -5.31 10.70 14.92
N LEU A 995 -4.16 10.09 15.26
CA LEU A 995 -3.09 10.82 15.97
C LEU A 995 -2.35 11.79 15.07
N THR A 996 -2.19 11.44 13.77
CA THR A 996 -1.52 12.27 12.78
C THR A 996 -2.32 13.55 12.60
N LEU A 997 -3.64 13.40 12.41
CA LEU A 997 -4.55 14.53 12.22
C LEU A 997 -4.56 15.40 13.46
N ARG A 998 -4.57 14.74 14.65
CA ARG A 998 -4.50 15.41 15.95
C ARG A 998 -3.29 16.34 16.01
N CYS A 999 -2.09 15.83 15.70
CA CYS A 999 -0.84 16.59 15.67
C CYS A 999 -0.95 17.89 14.92
N LEU A 1000 -1.40 17.81 13.66
CA LEU A 1000 -1.56 18.98 12.81
C LEU A 1000 -2.53 20.04 13.41
N VAL A 1001 -3.62 19.57 14.02
CA VAL A 1001 -4.63 20.42 14.65
C VAL A 1001 -3.99 21.14 15.86
N ARG A 1002 -3.19 20.38 16.67
CA ARG A 1002 -2.47 20.91 17.84
C ARG A 1002 -1.58 22.10 17.41
N MET A 1003 -0.80 21.90 16.32
CA MET A 1003 0.03 22.95 15.71
C MET A 1003 -0.82 24.12 15.19
N GLY A 1004 -2.04 23.84 14.70
CA GLY A 1004 -2.94 24.85 14.18
C GLY A 1004 -3.05 24.93 12.67
N TYR A 1005 -2.74 23.81 12.02
CA TYR A 1005 -2.76 23.61 10.58
C TYR A 1005 -4.09 23.13 10.09
N GLN A 1006 -4.50 23.56 8.89
CA GLN A 1006 -5.68 23.01 8.23
C GLN A 1006 -5.24 21.64 7.69
N CYS A 1007 -6.06 20.59 7.82
CA CYS A 1007 -5.65 19.26 7.33
C CYS A 1007 -6.81 18.36 6.88
N THR A 1008 -6.48 17.27 6.18
CA THR A 1008 -7.42 16.27 5.68
C THR A 1008 -6.70 14.99 5.22
N PHE A 1009 -7.43 13.86 5.10
CA PHE A 1009 -6.86 12.63 4.53
C PHE A 1009 -7.62 12.26 3.26
N GLY A 1010 -7.17 11.22 2.56
CA GLY A 1010 -7.80 10.72 1.35
C GLY A 1010 -7.01 9.65 0.63
N VAL A 1011 -7.73 8.70 -0.02
CA VAL A 1011 -7.20 7.53 -0.79
C VAL A 1011 -7.30 7.78 -2.30
N LEU A 1012 -6.22 7.51 -3.07
CA LEU A 1012 -6.19 7.67 -4.52
C LEU A 1012 -5.63 6.44 -5.24
N GLN A 1013 -6.29 6.02 -6.34
CA GLN A 1013 -5.83 4.89 -7.17
C GLN A 1013 -5.01 5.47 -8.33
N ALA A 1014 -3.71 5.25 -8.29
CA ALA A 1014 -2.75 5.72 -9.30
C ALA A 1014 -3.19 5.40 -10.71
N GLY A 1015 -3.79 4.22 -10.93
CA GLY A 1015 -4.32 3.80 -12.23
C GLY A 1015 -5.24 4.79 -12.92
N GLN A 1016 -6.05 5.53 -12.13
CA GLN A 1016 -6.99 6.56 -12.55
C GLN A 1016 -6.25 7.85 -12.91
N TYR A 1017 -4.91 7.86 -12.81
CA TYR A 1017 -4.11 9.06 -13.11
C TYR A 1017 -3.10 8.90 -14.23
N GLY A 1018 -3.26 7.84 -15.01
CA GLY A 1018 -2.45 7.60 -16.21
C GLY A 1018 -1.29 6.64 -16.08
N VAL A 1019 -1.46 5.63 -15.25
CA VAL A 1019 -0.45 4.62 -15.00
C VAL A 1019 -1.13 3.22 -15.12
N ALA A 1020 -0.49 2.26 -15.86
CA ALA A 1020 -1.08 0.91 -16.08
C ALA A 1020 -0.76 -0.03 -14.93
N GLN A 1021 -1.22 0.35 -13.72
CA GLN A 1021 -0.94 -0.31 -12.46
C GLN A 1021 -2.08 -0.06 -11.51
N THR A 1022 -2.35 -1.03 -10.67
CA THR A 1022 -3.41 -0.87 -9.69
C THR A 1022 -2.77 -0.67 -8.31
N ARG A 1023 -2.57 0.62 -7.94
CA ARG A 1023 -2.05 1.01 -6.64
C ARG A 1023 -2.69 2.20 -5.94
N ARG A 1024 -3.35 1.88 -4.80
CA ARG A 1024 -4.01 2.83 -3.93
C ARG A 1024 -2.99 3.30 -2.91
N ARG A 1025 -2.98 4.63 -2.66
CA ARG A 1025 -2.12 5.28 -1.70
C ARG A 1025 -2.97 6.16 -0.74
N ALA A 1026 -2.57 6.19 0.57
CA ALA A 1026 -3.17 7.04 1.59
C ALA A 1026 -2.43 8.36 1.44
N ILE A 1027 -3.17 9.48 1.35
CA ILE A 1027 -2.59 10.82 1.18
C ILE A 1027 -3.10 11.76 2.22
N ILE A 1028 -2.18 12.36 2.98
CA ILE A 1028 -2.53 13.30 4.04
C ILE A 1028 -2.09 14.68 3.66
N LEU A 1029 -3.07 15.56 3.37
CA LEU A 1029 -2.80 16.93 2.98
C LEU A 1029 -2.89 17.82 4.17
N ALA A 1030 -1.98 18.76 4.27
CA ALA A 1030 -2.01 19.75 5.35
C ALA A 1030 -1.56 21.08 4.77
N ALA A 1031 -2.15 22.16 5.25
CA ALA A 1031 -1.83 23.48 4.76
C ALA A 1031 -1.91 24.46 5.89
N ALA A 1032 -0.98 25.42 5.91
CA ALA A 1032 -0.86 26.44 6.95
C ALA A 1032 -2.05 27.41 6.96
N PRO A 1033 -2.42 27.92 8.19
CA PRO A 1033 -3.51 28.91 8.28
C PRO A 1033 -3.07 30.17 7.56
N GLY A 1034 -3.82 30.50 6.51
CA GLY A 1034 -3.47 31.61 5.63
C GLY A 1034 -3.61 31.12 4.22
N GLU A 1035 -2.91 29.99 3.88
CA GLU A 1035 -3.06 29.34 2.58
C GLU A 1035 -4.42 28.61 2.55
N LYS A 1036 -4.72 27.91 1.45
CA LYS A 1036 -5.98 27.19 1.33
C LYS A 1036 -5.70 25.66 1.40
N LEU A 1037 -6.69 24.85 1.85
CA LEU A 1037 -6.48 23.40 1.88
C LEU A 1037 -6.77 22.85 0.47
N PRO A 1038 -5.81 22.11 -0.13
CA PRO A 1038 -6.02 21.64 -1.52
C PRO A 1038 -7.08 20.57 -1.61
N LEU A 1039 -7.64 20.36 -2.79
CA LEU A 1039 -8.60 19.28 -2.97
C LEU A 1039 -7.88 18.06 -3.55
N PHE A 1040 -8.49 16.87 -3.45
CA PHE A 1040 -7.91 15.68 -4.04
C PHE A 1040 -8.21 15.75 -5.54
N PRO A 1041 -7.22 15.46 -6.44
CA PRO A 1041 -7.46 15.62 -7.89
C PRO A 1041 -8.56 14.74 -8.45
N GLU A 1042 -9.28 15.26 -9.42
CA GLU A 1042 -10.33 14.47 -10.06
C GLU A 1042 -9.68 13.39 -10.99
N PRO A 1043 -10.09 12.09 -10.87
CA PRO A 1043 -9.53 11.03 -11.74
C PRO A 1043 -9.55 11.38 -13.22
N LEU A 1044 -8.46 11.13 -13.95
CA LEU A 1044 -8.40 11.46 -15.38
C LEU A 1044 -8.55 10.25 -16.28
N HIS A 1045 -8.42 9.07 -15.69
CA HIS A 1045 -8.52 7.82 -16.41
C HIS A 1045 -9.57 6.89 -15.87
N VAL A 1046 -10.22 6.22 -16.78
CA VAL A 1046 -11.27 5.27 -16.50
C VAL A 1046 -10.59 3.98 -15.96
N PHE A 1047 -11.03 3.47 -14.81
CA PHE A 1047 -10.38 2.29 -14.21
C PHE A 1047 -11.37 1.32 -13.66
N ALA A 1048 -10.97 0.06 -13.58
CA ALA A 1048 -11.83 -1.01 -13.10
C ALA A 1048 -12.40 -0.65 -11.73
N PRO A 1049 -13.74 -0.60 -11.57
CA PRO A 1049 -14.33 -0.22 -10.27
C PRO A 1049 -13.72 -0.90 -9.05
N ARG A 1050 -13.42 -2.22 -9.14
CA ARG A 1050 -12.82 -3.00 -8.06
C ARG A 1050 -11.59 -2.30 -7.48
N ALA A 1051 -10.71 -1.76 -8.34
CA ALA A 1051 -9.47 -1.06 -7.97
C ALA A 1051 -9.74 0.32 -7.42
N CYS A 1052 -11.00 0.77 -7.50
CA CYS A 1052 -11.37 2.14 -7.15
C CYS A 1052 -12.11 2.43 -5.84
N GLN A 1053 -12.00 1.57 -4.82
CA GLN A 1053 -12.65 1.82 -3.51
C GLN A 1053 -11.81 2.80 -2.72
N LEU A 1054 -12.24 4.06 -2.72
CA LEU A 1054 -11.49 5.12 -2.09
C LEU A 1054 -11.99 5.53 -0.68
N SER A 1055 -13.23 5.11 -0.32
CA SER A 1055 -13.90 5.39 0.97
C SER A 1055 -13.08 4.92 2.17
N VAL A 1056 -13.18 5.60 3.33
CA VAL A 1056 -12.46 5.24 4.58
C VAL A 1056 -13.41 5.15 5.76
N VAL A 1057 -13.50 3.97 6.37
CA VAL A 1057 -14.38 3.81 7.54
C VAL A 1057 -13.53 4.00 8.77
N VAL A 1058 -13.82 5.05 9.53
CA VAL A 1058 -13.10 5.37 10.76
C VAL A 1058 -14.15 5.41 11.86
N ASP A 1059 -13.94 4.65 12.96
CA ASP A 1059 -14.87 4.56 14.10
C ASP A 1059 -16.35 4.37 13.66
N ASP A 1060 -16.53 3.48 12.66
CA ASP A 1060 -17.78 3.14 11.97
C ASP A 1060 -18.58 4.35 11.39
N LYS A 1061 -17.86 5.20 10.67
CA LYS A 1061 -18.34 6.37 9.95
C LYS A 1061 -17.56 6.41 8.61
N LYS A 1062 -18.28 6.48 7.47
CA LYS A 1062 -17.67 6.46 6.15
C LYS A 1062 -17.21 7.86 5.74
N PHE A 1063 -15.87 8.06 5.58
CA PHE A 1063 -15.27 9.34 5.15
C PHE A 1063 -14.84 9.31 3.70
N VAL A 1064 -15.23 10.31 2.93
CA VAL A 1064 -14.89 10.35 1.50
C VAL A 1064 -14.11 11.63 1.09
N SER A 1065 -13.61 11.70 -0.16
CA SER A 1065 -12.94 12.91 -0.63
C SER A 1065 -13.85 13.63 -1.62
N ASN A 1066 -13.51 14.89 -1.89
CA ASN A 1066 -14.20 15.76 -2.81
C ASN A 1066 -14.36 15.14 -4.21
N ILE A 1067 -13.66 14.02 -4.50
CA ILE A 1067 -13.73 13.32 -5.77
C ILE A 1067 -15.16 12.91 -6.05
N THR A 1068 -15.69 13.43 -7.18
CA THR A 1068 -17.03 13.21 -7.72
C THR A 1068 -16.96 12.11 -8.76
N ARG A 1069 -15.94 12.15 -9.69
CA ARG A 1069 -15.72 11.16 -10.76
C ARG A 1069 -15.45 9.82 -10.12
N LEU A 1070 -16.49 9.00 -9.93
CA LEU A 1070 -16.35 7.79 -9.14
C LEU A 1070 -15.82 6.43 -9.70
N SER A 1071 -16.36 5.80 -10.77
CA SER A 1071 -17.24 6.11 -11.92
C SER A 1071 -16.40 6.54 -13.16
N SER A 1072 -16.99 7.30 -14.13
CA SER A 1072 -16.28 7.65 -15.37
C SER A 1072 -15.11 8.65 -15.26
N GLY A 1073 -14.48 8.92 -16.40
CA GLY A 1073 -13.38 9.85 -16.55
C GLY A 1073 -13.26 10.33 -17.99
N PRO A 1074 -12.42 11.34 -18.28
CA PRO A 1074 -12.31 11.82 -19.66
C PRO A 1074 -11.43 11.02 -20.62
N PHE A 1075 -10.46 10.23 -20.15
CA PHE A 1075 -9.58 9.48 -21.04
C PHE A 1075 -9.71 7.99 -20.89
N ARG A 1076 -9.35 7.23 -21.95
CA ARG A 1076 -9.30 5.75 -21.97
C ARG A 1076 -8.27 5.23 -20.93
N THR A 1077 -8.29 3.94 -20.59
CA THR A 1077 -7.31 3.39 -19.63
C THR A 1077 -5.91 3.23 -20.24
N ILE A 1078 -4.85 3.38 -19.45
CA ILE A 1078 -3.48 3.11 -19.92
C ILE A 1078 -3.27 1.60 -19.63
N THR A 1079 -2.86 0.83 -20.65
CA THR A 1079 -2.61 -0.60 -20.53
C THR A 1079 -1.12 -0.96 -20.67
N VAL A 1080 -0.74 -2.14 -20.14
CA VAL A 1080 0.61 -2.73 -20.25
C VAL A 1080 1.16 -2.50 -21.67
N ARG A 1081 0.29 -2.67 -22.69
CA ARG A 1081 0.58 -2.46 -24.09
C ARG A 1081 1.07 -1.02 -24.28
N ASP A 1082 0.30 0.00 -23.81
CA ASP A 1082 0.65 1.43 -23.91
C ASP A 1082 1.88 1.71 -23.10
N THR A 1083 2.06 0.93 -22.02
CA THR A 1083 3.16 1.07 -21.09
C THR A 1083 4.51 0.57 -21.63
N MET A 1084 4.55 -0.58 -22.32
CA MET A 1084 5.82 -1.15 -22.78
C MET A 1084 5.88 -1.76 -24.12
N SER A 1085 4.84 -1.60 -24.99
CA SER A 1085 4.82 -2.21 -26.33
C SER A 1085 5.99 -1.87 -27.28
N ASP A 1086 6.63 -0.70 -27.10
CA ASP A 1086 7.73 -0.22 -27.94
C ASP A 1086 9.12 -0.70 -27.54
N LEU A 1087 9.25 -1.52 -26.53
CA LEU A 1087 10.59 -1.85 -26.10
C LEU A 1087 11.31 -3.00 -26.82
N PRO A 1088 12.59 -2.81 -27.24
CA PRO A 1088 13.33 -3.90 -27.91
C PRO A 1088 13.35 -5.18 -27.08
N GLU A 1089 13.39 -6.35 -27.77
CA GLU A 1089 13.44 -7.67 -27.12
C GLU A 1089 14.69 -7.83 -26.32
N ILE A 1090 14.54 -8.30 -25.11
CA ILE A 1090 15.65 -8.60 -24.21
C ILE A 1090 15.44 -10.01 -23.67
N GLN A 1091 16.53 -10.76 -23.49
CA GLN A 1091 16.42 -12.14 -23.03
C GLN A 1091 16.62 -12.18 -21.52
N ASN A 1092 16.22 -13.30 -20.86
CA ASN A 1092 16.36 -13.48 -19.41
C ASN A 1092 17.80 -13.23 -18.99
N GLY A 1093 18.01 -12.31 -18.05
CA GLY A 1093 19.33 -12.00 -17.53
C GLY A 1093 20.07 -10.89 -18.26
N ALA A 1094 19.32 -10.02 -18.96
CA ALA A 1094 19.83 -8.84 -19.68
C ALA A 1094 20.65 -7.94 -18.72
N SER A 1095 21.86 -7.56 -19.16
CA SER A 1095 22.83 -6.82 -18.34
C SER A 1095 23.26 -5.48 -18.93
N ASN A 1096 23.06 -5.26 -20.24
CA ASN A 1096 23.49 -4.01 -20.88
C ASN A 1096 22.61 -2.77 -20.55
N SER A 1097 23.07 -1.92 -19.60
CA SER A 1097 22.34 -0.71 -19.15
C SER A 1097 21.92 0.22 -20.27
N GLU A 1098 22.85 0.48 -21.21
CA GLU A 1098 22.63 1.37 -22.35
C GLU A 1098 22.51 0.59 -23.67
N ILE A 1099 21.30 0.62 -24.31
CA ILE A 1099 21.00 -0.05 -25.59
C ILE A 1099 20.17 0.84 -26.56
N PRO A 1100 20.23 0.67 -27.92
CA PRO A 1100 19.34 1.48 -28.77
C PRO A 1100 17.89 0.99 -28.67
N TYR A 1101 16.92 1.89 -28.89
CA TYR A 1101 15.51 1.52 -28.86
C TYR A 1101 15.18 0.57 -30.04
N ASN A 1102 15.96 0.68 -31.15
CA ASN A 1102 15.80 -0.06 -32.42
C ASN A 1102 14.40 0.11 -33.03
N GLY A 1103 13.76 1.23 -32.72
CA GLY A 1103 12.41 1.54 -33.21
C GLY A 1103 11.80 2.76 -32.55
N GLU A 1104 10.75 3.30 -33.18
CA GLU A 1104 10.01 4.49 -32.75
C GLU A 1104 9.00 4.20 -31.61
N PRO A 1105 8.50 5.23 -30.84
CA PRO A 1105 7.47 4.94 -29.83
C PRO A 1105 6.15 4.61 -30.53
N LEU A 1106 5.31 3.70 -29.99
CA LEU A 1106 4.07 3.33 -30.68
C LEU A 1106 2.81 3.96 -30.10
N SER A 1107 2.61 3.85 -28.77
CA SER A 1107 1.48 4.41 -28.02
C SER A 1107 1.62 5.90 -27.70
N TRP A 1108 0.48 6.59 -27.42
CA TRP A 1108 0.50 7.98 -26.96
C TRP A 1108 1.33 8.06 -25.68
N PHE A 1109 1.05 7.17 -24.72
CA PHE A 1109 1.77 7.07 -23.45
C PHE A 1109 3.26 6.99 -23.70
N GLN A 1110 3.68 6.09 -24.62
CA GLN A 1110 5.11 5.94 -24.97
C GLN A 1110 5.70 7.22 -25.47
N ARG A 1111 5.01 7.89 -26.40
CA ARG A 1111 5.42 9.16 -27.00
C ARG A 1111 5.77 10.22 -25.95
N GLN A 1112 4.97 10.30 -24.88
CA GLN A 1112 5.15 11.24 -23.78
C GLN A 1112 6.35 10.88 -22.86
N LEU A 1113 6.49 9.61 -22.43
CA LEU A 1113 7.62 9.24 -21.55
C LEU A 1113 8.98 9.20 -22.29
N ARG A 1114 8.94 8.87 -23.60
CA ARG A 1114 10.10 8.85 -24.48
C ARG A 1114 10.45 10.31 -24.84
N GLY A 1115 9.44 11.17 -24.82
CA GLY A 1115 9.56 12.60 -25.10
C GLY A 1115 9.62 12.95 -26.57
N SER A 1116 9.23 14.21 -26.89
CA SER A 1116 9.26 14.83 -28.23
C SER A 1116 10.72 15.03 -28.68
N HIS A 1117 11.60 15.35 -27.72
CA HIS A 1117 13.04 15.50 -27.91
C HIS A 1117 13.65 14.08 -28.05
N TYR A 1118 14.42 13.86 -29.15
CA TYR A 1118 15.04 12.56 -29.42
C TYR A 1118 16.16 12.14 -28.43
N GLN A 1119 15.96 10.93 -27.84
CA GLN A 1119 16.87 10.24 -26.93
C GLN A 1119 17.40 9.00 -27.68
N PRO A 1120 18.72 8.81 -27.83
CA PRO A 1120 19.21 7.65 -28.59
C PRO A 1120 19.32 6.33 -27.80
N ILE A 1121 19.84 6.44 -26.55
CA ILE A 1121 20.06 5.38 -25.57
C ILE A 1121 18.74 5.04 -24.86
N LEU A 1122 18.53 3.73 -24.62
CA LEU A 1122 17.46 3.19 -23.79
C LEU A 1122 18.19 2.85 -22.51
N ARG A 1123 17.64 3.26 -21.38
CA ARG A 1123 18.28 3.00 -20.11
C ARG A 1123 17.50 2.05 -19.20
N ASP A 1124 18.23 1.22 -18.45
CA ASP A 1124 17.70 0.30 -17.47
C ASP A 1124 16.79 -0.79 -18.05
N HIS A 1125 16.86 -1.09 -19.38
CA HIS A 1125 16.07 -2.20 -19.95
C HIS A 1125 16.87 -3.49 -19.67
N ILE A 1126 17.22 -3.63 -18.41
CA ILE A 1126 17.99 -4.67 -17.79
C ILE A 1126 16.98 -5.54 -16.99
N CYS A 1127 17.10 -6.86 -17.09
CA CYS A 1127 16.18 -7.76 -16.41
C CYS A 1127 16.93 -8.85 -15.70
N LYS A 1128 16.46 -9.21 -14.52
CA LYS A 1128 17.08 -10.20 -13.63
C LYS A 1128 17.48 -11.51 -14.33
N ASP A 1129 18.59 -12.11 -13.87
CA ASP A 1129 19.01 -13.38 -14.42
C ASP A 1129 18.38 -14.48 -13.60
N MET A 1130 17.38 -15.14 -14.17
CA MET A 1130 16.73 -16.20 -13.42
C MET A 1130 17.45 -17.51 -13.62
N SER A 1131 17.36 -18.37 -12.59
CA SER A 1131 17.98 -19.70 -12.52
C SER A 1131 17.66 -20.57 -13.76
N PRO A 1132 18.49 -21.59 -14.10
CA PRO A 1132 18.17 -22.43 -15.28
C PRO A 1132 16.74 -22.99 -15.21
N LEU A 1133 16.31 -23.45 -13.98
CA LEU A 1133 14.97 -23.96 -13.72
C LEU A 1133 13.89 -22.91 -13.95
N VAL A 1134 13.91 -21.76 -13.21
CA VAL A 1134 12.90 -20.70 -13.40
C VAL A 1134 12.83 -20.30 -14.89
N ALA A 1135 14.02 -20.08 -15.50
CA ALA A 1135 14.19 -19.75 -16.91
C ALA A 1135 13.41 -20.72 -17.80
N ALA A 1136 13.64 -22.05 -17.59
CA ALA A 1136 12.96 -23.16 -18.26
C ALA A 1136 11.46 -23.02 -18.12
N ARG A 1137 10.97 -22.90 -16.86
CA ARG A 1137 9.54 -22.73 -16.54
C ARG A 1137 8.89 -21.58 -17.38
N MET A 1138 9.52 -20.38 -17.41
CA MET A 1138 9.04 -19.22 -18.16
C MET A 1138 8.93 -19.48 -19.67
N ARG A 1139 9.88 -20.25 -20.24
CA ARG A 1139 9.85 -20.60 -21.67
C ARG A 1139 8.56 -21.33 -21.99
N HIS A 1140 8.18 -22.23 -21.07
CA HIS A 1140 7.01 -23.11 -21.12
C HIS A 1140 5.69 -22.52 -20.58
N ILE A 1141 5.62 -21.18 -20.31
CA ILE A 1141 4.37 -20.51 -19.88
C ILE A 1141 3.76 -19.94 -21.16
N PRO A 1142 2.56 -20.40 -21.60
CA PRO A 1142 1.96 -19.89 -22.87
C PRO A 1142 1.74 -18.38 -22.98
N LEU A 1143 1.59 -17.89 -24.23
CA LEU A 1143 1.41 -16.44 -24.36
C LEU A 1143 -0.03 -15.96 -24.24
N PHE A 1144 -1.04 -16.88 -24.34
CA PHE A 1144 -2.47 -16.55 -24.23
C PHE A 1144 -2.81 -15.81 -22.96
N PRO A 1145 -3.61 -14.70 -23.00
CA PRO A 1145 -3.85 -13.89 -21.79
C PRO A 1145 -4.35 -14.59 -20.55
N GLY A 1146 -3.73 -14.20 -19.44
CA GLY A 1146 -4.06 -14.79 -18.15
C GLY A 1146 -3.60 -16.22 -18.01
N SER A 1147 -2.34 -16.45 -18.44
CA SER A 1147 -1.70 -17.76 -18.36
C SER A 1147 -0.58 -17.84 -17.29
N ASP A 1148 -0.66 -18.85 -16.42
CA ASP A 1148 0.25 -19.05 -15.30
C ASP A 1148 0.71 -20.48 -15.19
N TRP A 1149 1.29 -20.83 -14.02
CA TRP A 1149 1.81 -22.15 -13.68
C TRP A 1149 0.95 -23.27 -14.18
N ARG A 1150 -0.36 -23.21 -13.92
CA ARG A 1150 -1.37 -24.22 -14.25
C ARG A 1150 -1.33 -24.71 -15.70
N ASP A 1151 -0.64 -23.95 -16.58
CA ASP A 1151 -0.49 -24.25 -18.01
C ASP A 1151 0.78 -24.94 -18.30
N LEU A 1152 1.71 -24.98 -17.35
CA LEU A 1152 2.99 -25.66 -17.56
C LEU A 1152 2.78 -27.09 -17.97
N PRO A 1153 3.67 -27.64 -18.82
CA PRO A 1153 3.57 -29.06 -19.17
C PRO A 1153 4.34 -29.97 -18.16
N ASN A 1154 3.90 -31.21 -17.93
CA ASN A 1154 4.66 -32.10 -17.05
C ASN A 1154 5.61 -32.86 -17.95
N ILE A 1155 6.73 -32.18 -18.27
CA ILE A 1155 7.77 -32.63 -19.20
C ILE A 1155 9.13 -32.48 -18.56
N GLN A 1156 10.03 -33.37 -18.96
CA GLN A 1156 11.38 -33.39 -18.48
C GLN A 1156 12.23 -32.43 -19.33
N VAL A 1157 12.57 -31.29 -18.78
CA VAL A 1157 13.34 -30.29 -19.50
C VAL A 1157 14.82 -30.47 -19.15
N ARG A 1158 15.67 -30.45 -20.17
CA ARG A 1158 17.12 -30.49 -19.99
C ARG A 1158 17.48 -29.06 -19.58
N LEU A 1159 17.94 -28.87 -18.32
CA LEU A 1159 18.26 -27.54 -17.78
C LEU A 1159 19.57 -26.91 -18.30
N GLY A 1160 19.90 -27.14 -19.58
CA GLY A 1160 21.12 -26.62 -20.21
C GLY A 1160 22.33 -27.35 -19.69
N ASP A 1161 22.71 -27.02 -18.41
CA ASP A 1161 23.78 -27.64 -17.60
C ASP A 1161 23.41 -29.10 -17.30
N GLY A 1162 24.35 -29.84 -16.71
CA GLY A 1162 24.17 -31.24 -16.34
C GLY A 1162 22.80 -31.59 -15.77
N VAL A 1163 22.24 -30.66 -14.94
CA VAL A 1163 20.93 -30.73 -14.25
C VAL A 1163 19.74 -30.98 -15.22
N ILE A 1164 18.76 -31.77 -14.78
CA ILE A 1164 17.60 -32.16 -15.60
C ILE A 1164 16.30 -31.99 -14.77
N ALA A 1165 15.42 -31.01 -15.16
CA ALA A 1165 14.15 -30.79 -14.46
C ALA A 1165 13.18 -31.90 -14.81
N HIS A 1166 12.93 -32.82 -13.85
CA HIS A 1166 12.07 -33.96 -14.16
C HIS A 1166 10.54 -33.73 -13.98
N LYS A 1167 9.76 -34.75 -14.34
CA LYS A 1167 8.31 -34.80 -14.29
C LYS A 1167 7.84 -34.82 -12.85
N LEU A 1168 6.59 -34.39 -12.60
CA LEU A 1168 5.99 -34.46 -11.29
C LEU A 1168 5.34 -35.82 -11.22
N GLN A 1169 5.67 -36.57 -10.18
CA GLN A 1169 5.12 -37.89 -9.94
C GLN A 1169 3.76 -37.68 -9.21
N TYR A 1170 2.65 -38.20 -9.77
CA TYR A 1170 1.34 -38.06 -9.12
C TYR A 1170 0.92 -39.37 -8.44
N THR A 1171 1.40 -39.61 -7.21
CA THR A 1171 1.18 -40.86 -6.44
C THR A 1171 0.03 -40.96 -5.44
N PHE A 1172 -0.54 -39.84 -5.00
CA PHE A 1172 -1.63 -39.83 -4.01
C PHE A 1172 -2.96 -39.45 -4.63
N HIS A 1173 -4.10 -39.72 -3.94
CA HIS A 1173 -5.42 -39.35 -4.46
C HIS A 1173 -5.81 -37.99 -3.95
N ASP A 1174 -6.30 -37.07 -4.83
CA ASP A 1174 -6.86 -35.84 -4.28
C ASP A 1174 -8.34 -36.14 -4.04
N VAL A 1175 -8.75 -36.19 -2.76
CA VAL A 1175 -10.13 -36.54 -2.37
C VAL A 1175 -11.13 -35.39 -2.69
N LYS A 1176 -10.64 -34.16 -2.92
CA LYS A 1176 -11.45 -33.00 -3.18
C LYS A 1176 -11.33 -32.54 -4.62
N ASN A 1177 -10.40 -33.10 -5.40
CA ASN A 1177 -10.19 -32.65 -6.80
C ASN A 1177 -10.53 -33.72 -7.80
N GLY A 1178 -10.49 -34.97 -7.37
CA GLY A 1178 -10.87 -36.09 -8.19
C GLY A 1178 -9.81 -36.68 -9.08
N TYR A 1179 -10.25 -37.38 -10.13
CA TYR A 1179 -9.32 -37.99 -11.06
C TYR A 1179 -9.25 -37.14 -12.32
N SER A 1180 -8.09 -37.20 -13.02
CA SER A 1180 -7.90 -36.55 -14.29
C SER A 1180 -8.78 -37.26 -15.35
N SER A 1181 -8.99 -36.63 -16.50
CA SER A 1181 -9.77 -37.19 -17.60
C SER A 1181 -9.25 -38.56 -18.04
N THR A 1182 -7.92 -38.78 -17.88
CA THR A 1182 -7.20 -40.03 -18.20
C THR A 1182 -7.30 -41.09 -17.07
N GLY A 1183 -8.03 -40.76 -16.01
CA GLY A 1183 -8.17 -41.62 -14.84
C GLY A 1183 -6.96 -41.55 -13.93
N ALA A 1184 -6.06 -40.58 -14.21
CA ALA A 1184 -4.82 -40.40 -13.45
C ALA A 1184 -5.08 -39.75 -12.10
N LEU A 1185 -4.12 -39.91 -11.16
CA LEU A 1185 -4.19 -39.31 -9.84
C LEU A 1185 -3.84 -37.81 -9.90
N ARG A 1186 -4.35 -37.01 -8.95
CA ARG A 1186 -4.02 -35.57 -8.89
C ARG A 1186 -3.21 -35.18 -7.61
N GLY A 1187 -2.91 -36.15 -6.76
CA GLY A 1187 -2.29 -35.94 -5.46
C GLY A 1187 -0.79 -35.83 -5.46
N VAL A 1188 -0.27 -34.73 -4.92
CA VAL A 1188 1.18 -34.58 -4.95
C VAL A 1188 1.91 -35.03 -3.63
N CYS A 1189 1.11 -35.20 -2.54
CA CYS A 1189 1.52 -35.52 -1.15
C CYS A 1189 0.37 -36.22 -0.41
N SER A 1190 0.70 -36.99 0.66
CA SER A 1190 -0.25 -37.77 1.48
C SER A 1190 -1.32 -36.96 2.14
N CYS A 1191 -1.13 -35.63 2.22
CA CYS A 1191 -2.13 -34.76 2.82
C CYS A 1191 -3.33 -34.51 1.89
N ALA A 1192 -3.19 -34.93 0.61
CA ALA A 1192 -4.26 -34.79 -0.40
C ALA A 1192 -5.33 -35.78 -0.04
N GLU A 1193 -4.89 -36.88 0.61
CA GLU A 1193 -5.75 -37.96 1.03
C GLU A 1193 -6.44 -37.57 2.32
N GLY A 1194 -5.79 -36.68 3.06
CA GLY A 1194 -6.36 -36.18 4.31
C GLY A 1194 -5.49 -36.56 5.47
N LYS A 1195 -4.46 -37.34 5.16
CA LYS A 1195 -3.49 -37.82 6.13
C LYS A 1195 -2.45 -36.69 6.43
N ALA A 1196 -1.42 -36.97 7.24
CA ALA A 1196 -0.45 -35.92 7.53
C ALA A 1196 0.67 -36.03 6.50
N CYS A 1197 1.07 -34.91 5.90
CA CYS A 1197 2.13 -34.83 4.90
C CYS A 1197 3.25 -35.85 5.16
N ASP A 1198 3.54 -36.74 4.17
CA ASP A 1198 4.67 -37.67 4.29
C ASP A 1198 5.84 -36.98 3.62
N PRO A 1199 6.96 -36.70 4.33
CA PRO A 1199 8.09 -36.04 3.63
C PRO A 1199 8.68 -37.06 2.69
N GLU A 1200 9.64 -36.71 1.83
CA GLU A 1200 10.11 -37.69 0.83
C GLU A 1200 9.07 -37.89 -0.29
N SER A 1201 7.82 -37.44 -0.07
CA SER A 1201 6.75 -37.39 -1.08
C SER A 1201 6.94 -36.02 -1.77
N ARG A 1202 7.76 -35.18 -1.11
CA ARG A 1202 8.21 -33.86 -1.53
C ARG A 1202 9.11 -34.04 -2.72
N GLN A 1203 8.91 -33.26 -3.79
CA GLN A 1203 9.75 -33.28 -4.98
C GLN A 1203 10.34 -31.91 -5.17
N PHE A 1204 11.55 -31.82 -5.73
CA PHE A 1204 12.24 -30.56 -6.03
C PHE A 1204 12.75 -30.60 -7.46
N SER A 1205 13.12 -29.45 -8.03
CA SER A 1205 13.59 -29.29 -9.39
C SER A 1205 12.64 -29.83 -10.47
N THR A 1206 11.32 -29.71 -10.22
CA THR A 1206 10.25 -30.14 -11.12
C THR A 1206 9.80 -28.93 -11.94
N LEU A 1207 9.42 -29.10 -13.24
CA LEU A 1207 8.96 -27.97 -14.09
C LEU A 1207 7.72 -27.31 -13.51
N ILE A 1208 6.70 -28.13 -13.10
CA ILE A 1208 5.51 -27.66 -12.39
C ILE A 1208 5.97 -27.66 -10.92
N PRO A 1209 6.12 -26.47 -10.23
CA PRO A 1209 6.63 -26.50 -8.85
C PRO A 1209 5.76 -27.38 -7.98
N TRP A 1210 6.36 -28.39 -7.32
CA TRP A 1210 5.66 -29.35 -6.47
C TRP A 1210 4.83 -28.65 -5.37
N CYS A 1211 5.34 -27.55 -4.82
CA CYS A 1211 4.70 -26.78 -3.76
C CYS A 1211 3.36 -26.16 -4.18
N LEU A 1212 3.21 -25.85 -5.45
CA LEU A 1212 1.96 -25.25 -5.93
C LEU A 1212 0.79 -26.22 -5.89
N PRO A 1213 0.85 -27.50 -6.42
CA PRO A 1213 -0.24 -28.45 -6.16
C PRO A 1213 -0.39 -28.76 -4.66
N HIS A 1214 0.75 -28.94 -3.94
CA HIS A 1214 0.75 -29.20 -2.49
C HIS A 1214 -0.20 -28.30 -1.69
N THR A 1215 -0.14 -26.96 -1.89
CA THR A 1215 -0.99 -25.97 -1.20
C THR A 1215 -2.13 -25.34 -2.05
N GLY A 1216 -2.15 -25.62 -3.35
CA GLY A 1216 -3.13 -25.08 -4.29
C GLY A 1216 -4.51 -24.86 -3.72
N ASN A 1217 -5.17 -25.96 -3.31
CA ASN A 1217 -6.53 -26.01 -2.76
C ASN A 1217 -6.85 -24.96 -1.70
N ARG A 1218 -5.97 -24.82 -0.68
CA ARG A 1218 -6.11 -23.87 0.43
C ARG A 1218 -5.71 -22.40 0.11
N HIS A 1219 -5.32 -22.11 -1.16
CA HIS A 1219 -4.83 -20.80 -1.64
C HIS A 1219 -5.24 -20.49 -3.08
N ASN A 1220 -6.54 -20.70 -3.34
CA ASN A 1220 -7.17 -20.41 -4.61
C ASN A 1220 -6.40 -20.84 -5.85
N HIS A 1221 -5.76 -22.02 -5.78
CA HIS A 1221 -4.97 -22.58 -6.87
C HIS A 1221 -3.76 -21.77 -7.28
N TRP A 1222 -3.21 -21.00 -6.34
CA TRP A 1222 -2.05 -20.15 -6.65
C TRP A 1222 -2.23 -19.27 -7.87
N ALA A 1223 -3.39 -18.56 -7.83
CA ALA A 1223 -3.91 -17.48 -8.64
C ALA A 1223 -3.26 -17.49 -9.95
N GLY A 1224 -2.22 -16.66 -10.10
CA GLY A 1224 -1.45 -16.50 -11.31
C GLY A 1224 0.03 -16.49 -11.09
N LEU A 1225 0.52 -17.38 -10.21
CA LEU A 1225 1.95 -17.48 -9.97
C LEU A 1225 2.54 -18.12 -11.22
N TYR A 1226 3.55 -17.47 -11.82
CA TYR A 1226 4.20 -17.81 -13.10
C TYR A 1226 3.35 -17.27 -14.24
N GLY A 1227 2.55 -16.26 -13.92
CA GLY A 1227 1.66 -15.58 -14.85
C GLY A 1227 2.29 -14.46 -15.64
N ARG A 1228 1.86 -14.37 -16.90
CA ARG A 1228 2.29 -13.33 -17.83
C ARG A 1228 1.29 -12.16 -17.78
N LEU A 1229 1.83 -10.95 -17.76
CA LEU A 1229 1.02 -9.75 -17.79
C LEU A 1229 0.15 -9.71 -19.07
N GLU A 1230 -1.13 -9.33 -18.92
CA GLU A 1230 -2.10 -9.18 -20.02
C GLU A 1230 -1.75 -7.84 -20.72
N TRP A 1231 -1.58 -7.82 -22.08
CA TRP A 1231 -1.29 -6.53 -22.77
C TRP A 1231 -2.40 -5.55 -22.49
N ASP A 1232 -3.66 -6.02 -22.33
CA ASP A 1232 -4.78 -5.15 -21.99
C ASP A 1232 -4.95 -4.99 -20.48
N GLY A 1233 -4.04 -5.59 -19.72
CA GLY A 1233 -4.07 -5.54 -18.27
C GLY A 1233 -3.22 -4.47 -17.64
N PHE A 1234 -2.93 -4.64 -16.36
CA PHE A 1234 -2.16 -3.69 -15.54
C PHE A 1234 -1.10 -4.43 -14.77
N PHE A 1235 -0.38 -3.70 -13.92
CA PHE A 1235 0.61 -4.24 -13.01
C PHE A 1235 -0.21 -4.41 -11.78
N SER A 1236 0.00 -5.51 -11.03
CA SER A 1236 -0.78 -5.83 -9.84
C SER A 1236 -0.57 -4.77 -8.79
N THR A 1237 0.66 -4.25 -8.72
CA THR A 1237 1.10 -3.22 -7.79
C THR A 1237 2.46 -2.60 -8.20
N THR A 1238 3.12 -2.02 -7.20
CA THR A 1238 4.41 -1.38 -7.26
C THR A 1238 5.42 -2.55 -7.16
N VAL A 1239 5.95 -3.04 -8.30
CA VAL A 1239 6.89 -4.18 -8.24
C VAL A 1239 8.31 -3.73 -7.77
N THR A 1240 8.83 -4.31 -6.66
CA THR A 1240 10.15 -3.95 -6.12
C THR A 1240 11.25 -5.00 -6.39
N ASN A 1241 10.87 -6.29 -6.45
CA ASN A 1241 11.75 -7.42 -6.73
C ASN A 1241 10.94 -8.52 -7.45
N PRO A 1242 10.98 -8.52 -8.78
CA PRO A 1242 10.11 -9.42 -9.52
C PRO A 1242 10.38 -10.93 -9.40
N GLU A 1243 9.59 -11.64 -8.51
CA GLU A 1243 9.69 -13.10 -8.36
C GLU A 1243 8.37 -13.82 -8.76
N PRO A 1244 8.44 -14.86 -9.65
CA PRO A 1244 7.22 -15.52 -10.14
C PRO A 1244 6.28 -16.13 -9.11
N MET A 1245 6.80 -16.52 -7.94
CA MET A 1245 5.99 -17.11 -6.88
C MET A 1245 5.92 -16.11 -5.75
N GLY A 1246 6.06 -14.85 -6.12
CA GLY A 1246 6.10 -13.74 -5.18
C GLY A 1246 4.76 -13.09 -4.87
N LYS A 1247 4.78 -12.27 -3.83
CA LYS A 1247 3.59 -11.59 -3.37
C LYS A 1247 3.34 -10.26 -4.13
N GLN A 1248 4.09 -9.99 -5.24
CA GLN A 1248 3.99 -8.76 -6.01
C GLN A 1248 3.15 -8.81 -7.31
N GLY A 1249 2.44 -9.91 -7.50
CA GLY A 1249 1.56 -10.09 -8.63
C GLY A 1249 2.22 -10.69 -9.84
N ARG A 1250 1.52 -10.66 -11.01
CA ARG A 1250 2.07 -11.22 -12.23
C ARG A 1250 3.28 -10.41 -12.69
N VAL A 1251 4.42 -11.10 -12.85
CA VAL A 1251 5.73 -10.50 -13.11
C VAL A 1251 6.39 -10.89 -14.46
N LEU A 1252 5.96 -12.02 -15.08
CA LEU A 1252 6.47 -12.44 -16.40
C LEU A 1252 5.93 -11.52 -17.48
N HIS A 1253 6.81 -11.16 -18.41
CA HIS A 1253 6.52 -10.31 -19.55
C HIS A 1253 5.46 -10.97 -20.47
N PRO A 1254 4.48 -10.21 -21.04
CA PRO A 1254 3.46 -10.83 -21.91
C PRO A 1254 3.94 -11.81 -22.99
N GLU A 1255 5.11 -11.59 -23.59
CA GLU A 1255 5.56 -12.48 -24.67
C GLU A 1255 6.95 -13.08 -24.49
N GLN A 1256 7.88 -12.34 -23.90
CA GLN A 1256 9.24 -12.80 -23.68
C GLN A 1256 9.37 -13.70 -22.43
N HIS A 1257 10.23 -14.73 -22.54
CA HIS A 1257 10.50 -15.74 -21.51
C HIS A 1257 11.40 -15.23 -20.40
N ARG A 1258 10.90 -14.19 -19.81
CA ARG A 1258 11.56 -13.46 -18.77
C ARG A 1258 10.54 -12.71 -17.91
N VAL A 1259 11.07 -12.17 -16.82
CA VAL A 1259 10.45 -11.35 -15.84
C VAL A 1259 10.61 -9.89 -16.37
N VAL A 1260 9.77 -8.95 -15.90
CA VAL A 1260 9.82 -7.54 -16.31
C VAL A 1260 11.17 -6.86 -15.96
N SER A 1261 11.68 -6.06 -16.92
CA SER A 1261 12.91 -5.28 -16.81
C SER A 1261 12.67 -4.05 -15.94
N VAL A 1262 13.75 -3.50 -15.33
CA VAL A 1262 13.72 -2.27 -14.53
C VAL A 1262 12.90 -1.15 -15.26
N ARG A 1263 13.28 -0.82 -16.52
CA ARG A 1263 12.62 0.20 -17.32
C ARG A 1263 11.11 -0.07 -17.49
N GLU A 1264 10.74 -1.36 -17.70
CA GLU A 1264 9.34 -1.72 -17.83
C GLU A 1264 8.61 -1.32 -16.55
N CYS A 1265 9.19 -1.64 -15.38
CA CYS A 1265 8.68 -1.23 -14.07
C CYS A 1265 8.66 0.30 -13.95
N ALA A 1266 9.76 0.96 -14.41
CA ALA A 1266 9.89 2.43 -14.41
C ALA A 1266 8.74 3.07 -15.22
N ARG A 1267 8.42 2.44 -16.39
CA ARG A 1267 7.31 2.79 -17.27
C ARG A 1267 5.96 2.54 -16.56
N SER A 1268 5.83 1.41 -15.83
CA SER A 1268 4.61 1.09 -15.10
C SER A 1268 4.35 2.14 -14.03
N GLN A 1269 5.38 2.93 -13.68
CA GLN A 1269 5.31 4.03 -12.72
C GLN A 1269 5.12 5.39 -13.42
N GLY A 1270 5.13 5.40 -14.75
CA GLY A 1270 4.96 6.64 -15.48
C GLY A 1270 6.13 7.60 -15.27
N PHE A 1271 7.35 7.06 -15.40
CA PHE A 1271 8.59 7.80 -15.28
C PHE A 1271 9.06 8.07 -16.70
N PRO A 1272 9.52 9.30 -17.00
CA PRO A 1272 10.04 9.57 -18.36
C PRO A 1272 11.32 8.75 -18.60
N ASP A 1273 11.53 8.23 -19.82
CA ASP A 1273 12.69 7.36 -20.17
C ASP A 1273 14.08 7.99 -19.92
N SER A 1274 14.09 9.30 -19.63
CA SER A 1274 15.28 10.05 -19.28
C SER A 1274 15.62 9.73 -17.82
N TYR A 1275 14.59 9.65 -16.93
CA TYR A 1275 14.74 9.36 -15.50
C TYR A 1275 15.82 8.30 -15.21
N ARG A 1276 16.87 8.73 -14.50
CA ARG A 1276 18.04 7.93 -14.16
C ARG A 1276 17.88 7.15 -12.87
N PHE A 1277 18.51 5.97 -12.81
CA PHE A 1277 18.51 5.10 -11.62
C PHE A 1277 19.93 4.62 -11.29
N PHE A 1278 20.24 4.46 -10.00
CA PHE A 1278 21.57 4.09 -9.51
C PHE A 1278 21.61 2.73 -8.80
N GLY A 1279 22.81 2.13 -8.70
CA GLY A 1279 23.07 0.85 -8.02
C GLY A 1279 22.96 -0.40 -8.85
N ASN A 1280 22.83 -1.58 -8.21
CA ASN A 1280 22.69 -2.82 -8.98
C ASN A 1280 21.26 -3.02 -9.43
N ILE A 1281 21.00 -3.95 -10.35
CA ILE A 1281 19.65 -4.21 -10.87
C ILE A 1281 18.56 -4.09 -9.80
N LEU A 1282 18.76 -4.80 -8.68
CA LEU A 1282 17.83 -4.84 -7.58
C LEU A 1282 17.65 -3.54 -6.88
N ASP A 1283 18.72 -2.70 -6.77
CA ASP A 1283 18.58 -1.37 -6.16
C ASP A 1283 17.65 -0.58 -7.05
N ARG A 1284 17.90 -0.60 -8.38
CA ARG A 1284 17.07 0.07 -9.37
C ARG A 1284 15.64 -0.39 -9.27
N HIS A 1285 15.43 -1.72 -9.11
CA HIS A 1285 14.11 -2.32 -8.97
C HIS A 1285 13.37 -1.78 -7.74
N ARG A 1286 14.10 -1.63 -6.60
CA ARG A 1286 13.59 -1.12 -5.33
C ARG A 1286 13.25 0.37 -5.48
N GLN A 1287 14.21 1.15 -5.99
CA GLN A 1287 14.05 2.59 -6.24
C GLN A 1287 12.70 2.95 -6.92
N VAL A 1288 12.36 2.20 -7.98
CA VAL A 1288 11.17 2.39 -8.79
C VAL A 1288 9.88 1.96 -8.07
N GLY A 1289 9.84 0.74 -7.57
CA GLY A 1289 8.69 0.20 -6.86
C GLY A 1289 8.49 0.85 -5.51
N ASN A 1290 9.39 1.78 -5.12
CA ASN A 1290 9.27 2.53 -3.87
C ASN A 1290 8.64 3.89 -4.17
N ALA A 1291 8.91 4.37 -5.38
CA ALA A 1291 8.49 5.67 -5.87
C ALA A 1291 6.98 5.93 -5.87
N VAL A 1292 6.64 7.22 -5.88
CA VAL A 1292 5.27 7.69 -6.01
C VAL A 1292 5.27 7.87 -7.52
N PRO A 1293 4.31 7.34 -8.29
CA PRO A 1293 4.38 7.56 -9.74
C PRO A 1293 4.24 9.04 -10.04
N PRO A 1294 5.22 9.65 -10.76
CA PRO A 1294 5.06 11.07 -11.14
C PRO A 1294 3.65 11.48 -11.62
N PRO A 1295 2.90 10.70 -12.51
CA PRO A 1295 1.51 11.08 -12.87
C PRO A 1295 0.59 11.35 -11.69
N LEU A 1296 0.65 10.52 -10.65
CA LEU A 1296 -0.11 10.73 -9.42
C LEU A 1296 0.39 11.97 -8.65
N ALA A 1297 1.72 12.15 -8.55
CA ALA A 1297 2.34 13.29 -7.85
C ALA A 1297 1.95 14.62 -8.50
N LYS A 1298 2.00 14.66 -9.85
CA LYS A 1298 1.63 15.82 -10.65
C LYS A 1298 0.17 16.10 -10.41
N ALA A 1299 -0.71 15.06 -10.45
CA ALA A 1299 -2.14 15.24 -10.21
C ALA A 1299 -2.37 15.99 -8.92
N ILE A 1300 -1.74 15.55 -7.81
CA ILE A 1300 -1.80 16.22 -6.50
C ILE A 1300 -1.18 17.62 -6.61
N GLY A 1301 0.00 17.71 -7.23
CA GLY A 1301 0.70 18.98 -7.40
C GLY A 1301 -0.13 20.07 -8.04
N LEU A 1302 -0.90 19.65 -9.04
CA LEU A 1302 -1.83 20.49 -9.79
C LEU A 1302 -2.96 21.03 -8.91
N GLU A 1303 -3.27 20.34 -7.81
CA GLU A 1303 -4.31 20.77 -6.88
C GLU A 1303 -3.77 21.81 -5.96
N ILE A 1304 -2.47 21.68 -5.67
CA ILE A 1304 -1.75 22.67 -4.90
C ILE A 1304 -1.60 23.90 -5.84
N LYS A 1305 -1.46 23.68 -7.20
CA LYS A 1305 -1.34 24.77 -8.18
C LYS A 1305 -2.43 25.82 -8.04
N LEU A 1306 -3.70 25.37 -8.10
CA LEU A 1306 -4.90 26.23 -8.00
C LEU A 1306 -4.93 26.92 -6.64
N CYS A 1307 -4.68 26.14 -5.57
CA CYS A 1307 -4.58 26.59 -4.17
C CYS A 1307 -3.64 27.81 -3.99
N LEU A 1308 -2.59 27.93 -4.86
CA LEU A 1308 -1.58 28.99 -4.83
C LEU A 1308 -2.01 30.21 -5.59
N LEU A 1309 -2.51 30.02 -6.82
CA LEU A 1309 -2.98 31.11 -7.69
C LEU A 1309 -4.14 31.83 -7.04
N SER A 1310 -5.12 31.05 -6.52
CA SER A 1310 -6.29 31.50 -5.79
C SER A 1310 -5.81 32.37 -4.63
N SER A 1311 -4.86 31.87 -3.81
CA SER A 1311 -4.30 32.61 -2.68
C SER A 1311 -3.41 33.79 -3.07
N ALA A 1312 -3.05 33.90 -4.36
CA ALA A 1312 -2.22 34.99 -4.89
C ALA A 1312 -3.11 36.16 -5.33
N ARG A 1313 -4.24 35.84 -6.00
CA ARG A 1313 -5.18 36.87 -6.41
C ARG A 1313 -5.92 37.44 -5.20
N GLU A 1314 -6.18 36.57 -4.19
CA GLU A 1314 -6.85 36.96 -2.93
C GLU A 1314 -5.96 37.91 -2.12
N SER A 1315 -4.62 37.71 -2.11
CA SER A 1315 -3.69 38.61 -1.43
C SER A 1315 -3.13 39.69 -2.37
N ALA A 1316 -4.04 40.20 -3.23
CA ALA A 1316 -3.84 41.27 -4.20
C ALA A 1316 -5.15 42.11 -4.23
N SER A 1317 -5.32 42.95 -3.18
CA SER A 1317 -6.48 43.83 -2.99
C SER A 1317 -6.13 45.05 -2.11
N ALA A 1318 -6.44 46.28 -2.59
CA ALA A 1318 -6.23 47.61 -1.95
C ALA A 1318 -4.91 47.75 -1.19
ZN ZN B . 17.27 -50.19 9.20
ZN ZN C . -1.46 -25.44 18.04
ZN ZN D . -27.37 29.63 10.31
ZN ZN E . 1.26 -32.59 2.22
N SAH F . 9.08 9.77 -2.00
CA SAH F . 9.56 8.54 -2.69
CB SAH F . 9.14 7.20 -2.11
CG SAH F . 9.84 7.07 -0.75
SD SAH F . 10.39 5.37 -0.36
C SAH F . 9.49 8.60 -4.19
O SAH F . 10.46 8.11 -4.78
OXT SAH F . 8.45 9.11 -4.87
C5' SAH F . 10.82 5.46 1.37
C4' SAH F . 12.28 5.84 1.52
O4' SAH F . 12.59 5.79 2.90
C3' SAH F . 13.23 4.80 0.93
O3' SAH F . 13.71 5.25 -0.37
C2' SAH F . 14.30 4.61 2.09
O2' SAH F . 15.68 4.40 1.70
C1' SAH F . 14.02 5.88 2.92
N9 SAH F . 14.28 5.87 4.34
C8 SAH F . 13.95 4.84 5.14
N7 SAH F . 14.25 5.13 6.36
C5 SAH F . 14.72 6.41 6.44
C6 SAH F . 15.15 7.24 7.53
N6 SAH F . 15.15 6.73 8.83
N1 SAH F . 15.62 8.48 7.22
C2 SAH F . 15.62 8.94 5.93
N3 SAH F . 15.20 8.17 4.90
C4 SAH F . 14.74 6.91 5.11
#